data_7CHC
#
_entry.id   7CHC
#
_cell.length_a   101.900
_cell.length_b   105.700
_cell.length_c   110.500
_cell.angle_alpha   90.000
_cell.angle_beta   90.000
_cell.angle_gamma   90.000
#
_symmetry.space_group_name_H-M   'P 21 21 21'
#
loop_
_entity.id
_entity.type
_entity.pdbx_description
1 polymer 'BD-629 Fab H'
2 polymer 'IGK@ protein'
3 polymer 'Spike protein S1'
4 polymer 'BD-368-2 Fab H'
5 polymer 'BD-368-2 Fab L'
#
loop_
_entity_poly.entity_id
_entity_poly.type
_entity_poly.pdbx_seq_one_letter_code
_entity_poly.pdbx_strand_id
1 'polypeptide(L)'
;EVQLVESGGGLIQPGGSLRLSCAASEFIVSRNYMSWVRQAPGKGLEWVSVIYSGGSTYYADSVKGRFTISRDNSKNTLNL
QMNSLRAEDTAVYYCARDYGDYYFDYWGQGTLVTVSSASTKGPSVFPLAPSSKSTSGGTAALGCLVKDYFPEPVTVSWNS
GALTSGVHTFPAVLQSSGLYSLSSVVTVPSSSLGTQTYICNVNHKPSNTKVDKKVEPKSCDK
;
H
2 'polypeptide(L)'
;EIVLTQSPGTLSLSPGERATLSCRASQGVSSFLAWYQQKPGQAPRLLIHGASSRATGIPDRFSGSGSGTDFTLTITRLEP
EDFAVYYCQQYGSSPRTFGQGTKVEIKRTVAAPSVFIFPPSDEQLKSGTASVVCLLNNFYPREAKVQWKVDNALQSGNSQ
ESVTEQDSKDSTYSLSSTLTLSKADYEKHKVYACEVTHQGLSSPVTKSFNRGEC
;
L
3 'polypeptide(L)'
;RVQPTESIVRFPNITNLCPFGEVFNATRFASVYAWNRKRISNCVADYSVLYNSASFSTFKCYGVSPTKLNDLCFTNVYAD
SFVIRGDEVRQIAPGQTGKIADYNYKLPDDFTGCVIAWNSNNLDSKVGGNYNYLYRLFRKSNLKPFERDISTEIYQAGST
PCNGVEGFNCYFPLQSYGFQPTNGVGYQPYRVVVLSFELLHAPATVCGPKKSTNLVKNKCVNF
;
R
4 'polypeptide(L)'
;EVQLLESGGGVVQPGGSLRLSCAASGFAFTTYAMNWVRQAPGRGLEWVSAISDGGGSAYYADSVKGRFTISRDNSKNTLY
LQMNSLRAEDTAVYYCAKTRGRGLYDYVWGSKDYWGQGTLVTVSSASTKGPSVFPLAPSSKSTSGGTAALGCLVKDYFPE
PVTVSWNSGALTSGVHTFPAVLQSSGLYSLSSVVTVPSSSLGTQTYICNVNHKPSNTKVDKKVEPKSCDK
;
A
5 'polypeptide(L)'
;DIVMTQSPLSLPVTPGEPASISCRSSQSLLHSNGYNYLDWYLQKPGQSPQLLIYLGSNRASGVPDRFSGSGSGTDFTLKI
SRVEAEDVGVYYCMQALQTPGTFGQGTRLEIKRTVAAPSVFIFPPSDEQLKSGTASVVCLLNNFYPREAKVQWKVDNALQ
SGNSQESVTEQDSKDSTYSLSSTLTLSKADYEKHKVYACEVTHQGLSSPVTKSFNRGEC
;
B
#
# COMPACT_ATOMS: atom_id res chain seq x y z
N GLU A 1 14.39 -12.42 -9.82
CA GLU A 1 14.50 -13.87 -9.88
C GLU A 1 13.19 -14.43 -10.44
N VAL A 2 12.11 -13.73 -10.13
CA VAL A 2 10.83 -13.90 -10.80
C VAL A 2 10.92 -13.22 -12.15
N GLN A 3 10.28 -13.79 -13.18
CA GLN A 3 10.48 -13.22 -14.51
C GLN A 3 9.43 -13.72 -15.50
N LEU A 4 9.06 -12.83 -16.41
CA LEU A 4 8.20 -13.16 -17.55
C LEU A 4 8.83 -12.55 -18.80
N VAL A 5 9.10 -13.37 -19.82
CA VAL A 5 9.81 -12.93 -21.01
C VAL A 5 9.01 -13.36 -22.24
N GLU A 6 8.42 -12.38 -22.93
CA GLU A 6 7.69 -12.64 -24.16
C GLU A 6 8.63 -12.79 -25.35
N SER A 7 8.10 -13.36 -26.43
CA SER A 7 8.82 -13.51 -27.68
C SER A 7 7.81 -13.82 -28.77
N GLY A 8 8.29 -13.86 -30.01
CA GLY A 8 7.45 -14.20 -31.13
C GLY A 8 6.75 -13.04 -31.80
N GLY A 9 7.04 -11.80 -31.41
CA GLY A 9 6.47 -10.66 -32.09
C GLY A 9 7.18 -10.37 -33.40
N GLY A 10 6.50 -9.63 -34.27
CA GLY A 10 7.08 -9.27 -35.54
C GLY A 10 6.01 -8.76 -36.50
N LEU A 11 6.43 -8.66 -37.76
CA LEU A 11 5.56 -8.16 -38.83
C LEU A 11 4.87 -9.34 -39.51
N ILE A 12 3.55 -9.23 -39.67
CA ILE A 12 2.74 -10.28 -40.27
C ILE A 12 1.65 -9.64 -41.12
N GLN A 13 1.31 -10.32 -42.22
CA GLN A 13 0.28 -9.86 -43.13
C GLN A 13 -1.05 -9.75 -42.39
N PRO A 14 -1.98 -8.95 -42.91
CA PRO A 14 -3.37 -9.11 -42.48
C PRO A 14 -3.86 -10.51 -42.84
N GLY A 15 -4.66 -11.09 -41.96
CA GLY A 15 -5.13 -12.44 -42.18
C GLY A 15 -4.07 -13.52 -42.08
N GLY A 16 -2.91 -13.20 -41.53
CA GLY A 16 -1.89 -14.18 -41.24
C GLY A 16 -1.97 -14.69 -39.80
N SER A 17 -1.05 -15.58 -39.47
CA SER A 17 -0.98 -16.19 -38.15
C SER A 17 0.32 -15.83 -37.48
N LEU A 18 0.31 -15.83 -36.14
CA LEU A 18 1.52 -15.53 -35.39
C LEU A 18 1.33 -16.20 -34.03
N ARG A 19 2.40 -16.73 -33.45
CA ARG A 19 2.31 -17.44 -32.16
C ARG A 19 3.19 -16.76 -31.12
N LEU A 20 2.57 -16.02 -30.21
CA LEU A 20 3.33 -15.42 -29.12
C LEU A 20 3.68 -16.46 -28.06
N SER A 21 4.82 -16.25 -27.40
CA SER A 21 5.27 -17.15 -26.36
C SER A 21 5.83 -16.35 -25.20
N CYS A 22 5.52 -16.79 -23.98
CA CYS A 22 5.97 -16.12 -22.76
C CYS A 22 6.58 -17.17 -21.85
N ALA A 23 7.86 -16.99 -21.51
CA ALA A 23 8.61 -17.96 -20.72
C ALA A 23 8.70 -17.47 -19.28
N ALA A 24 8.23 -18.28 -18.35
CA ALA A 24 8.21 -17.93 -16.94
C ALA A 24 9.41 -18.53 -16.23
N SER A 25 9.99 -17.77 -15.29
CA SER A 25 11.22 -18.20 -14.64
C SER A 25 10.95 -19.00 -13.37
N GLU A 26 10.57 -18.33 -12.28
CA GLU A 26 10.48 -19.04 -11.00
C GLU A 26 9.09 -19.61 -10.73
N PHE A 27 8.06 -19.18 -11.43
CA PHE A 27 6.73 -19.47 -10.93
C PHE A 27 5.87 -20.04 -12.05
N ILE A 28 5.12 -21.07 -11.70
CA ILE A 28 4.69 -22.11 -12.62
C ILE A 28 3.42 -21.66 -13.34
N VAL A 29 3.48 -21.62 -14.68
CA VAL A 29 2.32 -21.17 -15.44
C VAL A 29 1.15 -22.13 -15.24
N SER A 30 1.42 -23.42 -15.07
CA SER A 30 0.34 -24.40 -14.96
C SER A 30 -0.47 -24.22 -13.68
N ARG A 31 0.09 -23.61 -12.66
CA ARG A 31 -0.60 -23.41 -11.39
C ARG A 31 -1.13 -22.00 -11.22
N ASN A 32 -1.02 -21.16 -12.24
CA ASN A 32 -1.33 -19.74 -12.11
C ASN A 32 -2.43 -19.33 -13.07
N TYR A 33 -3.19 -18.31 -12.67
CA TYR A 33 -3.94 -17.51 -13.62
C TYR A 33 -2.94 -16.72 -14.45
N MET A 34 -2.93 -16.95 -15.76
CA MET A 34 -2.08 -16.21 -16.68
C MET A 34 -2.96 -15.42 -17.63
N SER A 35 -2.50 -14.22 -18.01
CA SER A 35 -3.29 -13.34 -18.86
C SER A 35 -2.40 -12.72 -19.93
N TRP A 36 -3.04 -12.31 -21.02
CA TRP A 36 -2.43 -11.46 -22.02
C TRP A 36 -3.14 -10.11 -22.01
N VAL A 37 -2.35 -9.04 -22.06
CA VAL A 37 -2.85 -7.67 -22.09
C VAL A 37 -2.09 -6.93 -23.18
N ARG A 38 -2.79 -6.11 -23.96
CA ARG A 38 -2.16 -5.45 -25.09
C ARG A 38 -2.34 -3.94 -25.02
N GLN A 39 -1.47 -3.25 -25.75
CA GLN A 39 -1.39 -1.79 -25.75
C GLN A 39 -1.06 -1.34 -27.16
N ALA A 40 -2.00 -0.65 -27.80
CA ALA A 40 -1.71 -0.04 -29.09
C ALA A 40 -0.81 1.17 -28.88
N PRO A 41 0.09 1.45 -29.83
CA PRO A 41 1.03 2.57 -29.67
C PRO A 41 0.32 3.87 -29.33
N GLY A 42 0.74 4.50 -28.24
CA GLY A 42 0.10 5.72 -27.79
C GLY A 42 -1.33 5.57 -27.34
N LYS A 43 -1.71 4.40 -26.80
CA LYS A 43 -3.06 4.15 -26.36
C LYS A 43 -3.06 3.34 -25.07
N GLY A 44 -4.26 3.16 -24.53
CA GLY A 44 -4.47 2.54 -23.24
C GLY A 44 -4.17 1.05 -23.18
N LEU A 45 -4.73 0.40 -22.18
CA LEU A 45 -4.49 -1.02 -21.94
C LEU A 45 -5.79 -1.79 -22.13
N GLU A 46 -5.73 -2.87 -22.89
CA GLU A 46 -6.89 -3.73 -23.13
C GLU A 46 -6.55 -5.16 -22.70
N TRP A 47 -7.42 -5.75 -21.88
CA TRP A 47 -7.28 -7.16 -21.56
C TRP A 47 -7.72 -8.01 -22.74
N VAL A 48 -6.95 -9.06 -23.04
CA VAL A 48 -7.18 -9.90 -24.21
C VAL A 48 -7.71 -11.28 -23.81
N SER A 49 -6.94 -12.04 -23.04
CA SER A 49 -7.31 -13.41 -22.72
C SER A 49 -6.66 -13.83 -21.42
N VAL A 50 -7.27 -14.84 -20.79
CA VAL A 50 -6.82 -15.38 -19.51
C VAL A 50 -6.96 -16.89 -19.54
N ILE A 51 -6.12 -17.58 -18.75
CA ILE A 51 -6.27 -19.01 -18.49
C ILE A 51 -6.22 -19.25 -16.99
N TYR A 52 -7.19 -19.99 -16.49
CA TYR A 52 -7.35 -20.22 -15.06
C TYR A 52 -6.34 -21.26 -14.57
N SER A 53 -6.06 -21.24 -13.27
CA SER A 53 -5.16 -22.22 -12.67
C SER A 53 -5.61 -23.65 -12.98
N GLY A 54 -6.92 -23.86 -13.07
CA GLY A 54 -7.48 -25.18 -13.31
C GLY A 54 -7.86 -25.48 -14.74
N GLY A 55 -7.67 -24.55 -15.67
CA GLY A 55 -7.88 -24.86 -17.08
C GLY A 55 -8.81 -23.97 -17.86
N SER A 56 -9.80 -23.35 -17.21
CA SER A 56 -10.75 -22.52 -17.93
C SER A 56 -10.04 -21.35 -18.62
N THR A 57 -10.61 -20.93 -19.75
CA THR A 57 -10.09 -19.83 -20.54
C THR A 57 -11.22 -18.88 -20.91
N TYR A 58 -10.90 -17.59 -20.97
CA TYR A 58 -11.85 -16.56 -21.36
C TYR A 58 -11.16 -15.56 -22.27
N TYR A 59 -11.95 -14.86 -23.07
CA TYR A 59 -11.41 -14.01 -24.12
C TYR A 59 -12.17 -12.71 -24.21
N ALA A 60 -11.46 -11.64 -24.59
CA ALA A 60 -12.13 -10.42 -24.99
C ALA A 60 -13.01 -10.68 -26.22
N ASP A 61 -14.13 -9.97 -26.29
CA ASP A 61 -15.06 -10.19 -27.40
C ASP A 61 -14.41 -9.89 -28.75
N SER A 62 -13.42 -9.00 -28.78
CA SER A 62 -12.80 -8.63 -30.05
C SER A 62 -11.91 -9.73 -30.63
N VAL A 63 -11.57 -10.74 -29.84
CA VAL A 63 -10.61 -11.75 -30.28
C VAL A 63 -11.15 -13.16 -30.18
N LYS A 64 -12.39 -13.36 -29.74
CA LYS A 64 -12.97 -14.70 -29.74
C LYS A 64 -13.01 -15.25 -31.15
N GLY A 65 -12.77 -16.56 -31.27
CA GLY A 65 -12.71 -17.22 -32.57
C GLY A 65 -11.44 -16.99 -33.35
N ARG A 66 -10.57 -16.08 -32.92
CA ARG A 66 -9.31 -15.82 -33.59
C ARG A 66 -8.09 -16.13 -32.74
N PHE A 67 -8.18 -15.96 -31.42
CA PHE A 67 -7.06 -16.17 -30.52
C PHE A 67 -7.30 -17.43 -29.69
N THR A 68 -6.21 -18.10 -29.32
CA THR A 68 -6.28 -19.27 -28.43
C THR A 68 -5.13 -19.20 -27.43
N ILE A 69 -5.47 -19.20 -26.15
CA ILE A 69 -4.49 -19.21 -25.07
C ILE A 69 -4.31 -20.65 -24.61
N SER A 70 -3.09 -21.00 -24.21
CA SER A 70 -2.74 -22.36 -23.83
C SER A 70 -1.38 -22.31 -23.15
N ARG A 71 -0.89 -23.47 -22.70
CA ARG A 71 0.38 -23.49 -22.00
C ARG A 71 1.08 -24.83 -22.17
N ASP A 72 2.41 -24.76 -22.24
CA ASP A 72 3.28 -25.93 -22.32
C ASP A 72 3.90 -26.16 -20.94
N ASN A 73 3.39 -27.18 -20.23
CA ASN A 73 3.84 -27.41 -18.87
C ASN A 73 5.31 -27.85 -18.82
N SER A 74 5.73 -28.67 -19.79
CA SER A 74 7.10 -29.17 -19.80
C SER A 74 8.11 -28.07 -20.08
N LYS A 75 7.67 -26.87 -20.39
CA LYS A 75 8.57 -25.78 -20.73
C LYS A 75 8.18 -24.51 -19.99
N ASN A 76 7.21 -24.62 -19.06
CA ASN A 76 6.75 -23.51 -18.24
C ASN A 76 6.49 -22.27 -19.09
N THR A 77 5.69 -22.45 -20.13
CA THR A 77 5.48 -21.42 -21.14
C THR A 77 4.00 -21.12 -21.26
N LEU A 78 3.67 -19.84 -21.29
CA LEU A 78 2.34 -19.38 -21.69
C LEU A 78 2.38 -19.04 -23.18
N ASN A 79 1.29 -19.36 -23.88
CA ASN A 79 1.24 -19.20 -25.32
C ASN A 79 -0.05 -18.51 -25.74
N LEU A 80 0.00 -17.86 -26.89
CA LEU A 80 -1.17 -17.27 -27.52
C LEU A 80 -1.06 -17.51 -29.02
N GLN A 81 -2.01 -18.25 -29.58
CA GLN A 81 -2.08 -18.45 -31.03
C GLN A 81 -3.03 -17.41 -31.61
N MET A 82 -2.54 -16.64 -32.57
CA MET A 82 -3.34 -15.54 -33.12
C MET A 82 -3.52 -15.77 -34.61
N ASN A 83 -4.77 -15.97 -35.03
CA ASN A 83 -5.11 -16.14 -36.43
C ASN A 83 -6.11 -15.08 -36.85
N SER A 84 -6.18 -14.85 -38.17
CA SER A 84 -7.03 -13.81 -38.74
C SER A 84 -6.62 -12.44 -38.19
N LEU A 85 -5.33 -12.14 -38.30
CA LEU A 85 -4.80 -10.91 -37.71
C LEU A 85 -5.18 -9.70 -38.56
N ARG A 86 -5.58 -8.63 -37.87
CA ARG A 86 -6.13 -7.43 -38.47
C ARG A 86 -5.17 -6.26 -38.24
N ALA A 87 -5.61 -5.04 -38.60
CA ALA A 87 -4.83 -3.85 -38.30
C ALA A 87 -4.97 -3.47 -36.83
N GLU A 88 -6.21 -3.38 -36.37
CA GLU A 88 -6.64 -3.26 -34.98
C GLU A 88 -5.70 -3.97 -34.00
N ASP A 89 -5.18 -5.13 -34.42
CA ASP A 89 -4.41 -6.02 -33.58
C ASP A 89 -2.96 -5.57 -33.41
N THR A 90 -2.51 -4.56 -34.14
CA THR A 90 -1.14 -4.08 -33.96
C THR A 90 -1.02 -3.43 -32.58
N ALA A 91 -0.14 -3.98 -31.74
CA ALA A 91 -0.01 -3.53 -30.37
C ALA A 91 1.23 -4.18 -29.75
N VAL A 92 1.54 -3.75 -28.54
CA VAL A 92 2.54 -4.42 -27.70
C VAL A 92 1.79 -5.40 -26.81
N TYR A 93 2.22 -6.66 -26.84
CA TYR A 93 1.51 -7.71 -26.11
C TYR A 93 2.31 -8.12 -24.88
N TYR A 94 1.64 -8.08 -23.72
CA TYR A 94 2.24 -8.42 -22.44
C TYR A 94 1.63 -9.73 -21.92
N CYS A 95 2.47 -10.63 -21.44
CA CYS A 95 1.98 -11.66 -20.53
C CYS A 95 2.08 -11.13 -19.12
N ALA A 96 1.14 -11.54 -18.28
CA ALA A 96 1.10 -11.07 -16.91
C ALA A 96 0.68 -12.20 -15.99
N ARG A 97 1.34 -12.31 -14.85
CA ARG A 97 0.77 -13.14 -13.81
C ARG A 97 -0.45 -12.44 -13.27
N ASP A 98 -1.55 -13.19 -13.18
CA ASP A 98 -2.87 -12.66 -12.91
C ASP A 98 -3.28 -13.21 -11.56
N TYR A 99 -3.53 -12.32 -10.60
CA TYR A 99 -3.88 -12.79 -9.26
C TYR A 99 -5.38 -13.04 -9.21
N GLY A 100 -5.75 -14.30 -9.40
CA GLY A 100 -7.14 -14.72 -9.21
C GLY A 100 -8.11 -14.11 -10.17
N ASP A 101 -7.70 -13.84 -11.41
CA ASP A 101 -8.55 -13.22 -12.43
C ASP A 101 -9.00 -11.82 -11.99
N TYR A 102 -8.22 -11.18 -11.13
CA TYR A 102 -8.55 -9.86 -10.58
C TYR A 102 -7.65 -8.80 -11.16
N TYR A 103 -6.39 -8.73 -10.71
CA TYR A 103 -5.43 -7.73 -11.14
C TYR A 103 -4.16 -8.43 -11.63
N PHE A 104 -3.29 -7.65 -12.26
CA PHE A 104 -2.07 -8.16 -12.89
C PHE A 104 -0.89 -7.63 -12.08
N ASP A 105 -0.28 -8.50 -11.27
CA ASP A 105 0.74 -8.06 -10.33
C ASP A 105 2.17 -8.20 -10.85
N TYR A 106 2.39 -8.95 -11.92
CA TYR A 106 3.74 -9.06 -12.50
C TYR A 106 3.62 -9.13 -14.02
N TRP A 107 4.38 -8.28 -14.71
CA TRP A 107 4.30 -8.17 -16.16
C TRP A 107 5.65 -8.46 -16.81
N GLY A 108 5.60 -8.99 -18.03
CA GLY A 108 6.79 -9.09 -18.85
C GLY A 108 7.05 -7.79 -19.59
N GLN A 109 8.20 -7.73 -20.28
CA GLN A 109 8.57 -6.49 -20.96
C GLN A 109 7.70 -6.23 -22.17
N GLY A 110 7.13 -7.26 -22.78
CA GLY A 110 6.23 -7.12 -23.90
C GLY A 110 6.91 -7.50 -25.21
N THR A 111 6.08 -7.72 -26.23
CA THR A 111 6.59 -7.97 -27.57
C THR A 111 5.67 -7.22 -28.53
N LEU A 112 6.25 -6.69 -29.61
CA LEU A 112 5.55 -5.81 -30.53
C LEU A 112 5.08 -6.61 -31.74
N VAL A 113 3.76 -6.58 -31.98
CA VAL A 113 3.15 -7.29 -33.10
C VAL A 113 2.60 -6.24 -34.05
N THR A 114 3.25 -6.12 -35.22
CA THR A 114 2.80 -5.21 -36.27
C THR A 114 2.13 -6.03 -37.36
N VAL A 115 0.86 -5.72 -37.65
CA VAL A 115 0.11 -6.44 -38.66
C VAL A 115 -0.28 -5.44 -39.74
N SER A 116 0.48 -5.42 -40.84
CA SER A 116 0.26 -4.47 -41.91
C SER A 116 0.49 -5.15 -43.26
N SER A 117 -0.09 -4.56 -44.30
CA SER A 117 0.12 -5.03 -45.66
C SER A 117 1.42 -4.51 -46.26
N ALA A 118 2.05 -3.52 -45.64
CA ALA A 118 3.32 -3.00 -46.13
C ALA A 118 4.40 -4.07 -46.04
N SER A 119 5.53 -3.79 -46.67
CA SER A 119 6.66 -4.72 -46.70
C SER A 119 7.85 -4.13 -45.96
N THR A 120 8.57 -5.01 -45.28
CA THR A 120 9.85 -4.71 -44.65
C THR A 120 10.83 -3.96 -45.55
N LYS A 121 10.93 -2.65 -45.34
CA LYS A 121 11.86 -1.77 -46.05
C LYS A 121 12.73 -1.04 -45.05
N GLY A 122 14.05 -1.14 -45.23
CA GLY A 122 15.00 -0.40 -44.43
C GLY A 122 14.96 1.08 -44.75
N PRO A 123 15.45 1.91 -43.82
CA PRO A 123 15.32 3.35 -43.98
C PRO A 123 16.38 3.95 -44.89
N SER A 124 16.06 5.15 -45.38
CA SER A 124 17.06 6.02 -45.99
C SER A 124 17.48 7.04 -44.94
N VAL A 125 18.78 7.21 -44.76
CA VAL A 125 19.32 8.08 -43.71
C VAL A 125 19.98 9.27 -44.39
N PHE A 126 19.56 10.47 -44.03
CA PHE A 126 20.09 11.69 -44.59
C PHE A 126 20.70 12.56 -43.50
N PRO A 127 21.75 13.32 -43.80
CA PRO A 127 22.37 14.16 -42.78
C PRO A 127 21.62 15.46 -42.57
N LEU A 128 21.49 15.86 -41.30
CA LEU A 128 20.99 17.17 -40.91
C LEU A 128 22.21 18.01 -40.56
N ALA A 129 22.80 18.65 -41.57
CA ALA A 129 24.11 19.25 -41.42
C ALA A 129 24.08 20.40 -40.42
N PRO A 130 25.06 20.47 -39.50
CA PRO A 130 25.17 21.66 -38.66
C PRO A 130 25.45 22.89 -39.52
N SER A 131 24.90 24.02 -39.08
CA SER A 131 25.00 25.25 -39.84
C SER A 131 26.40 25.88 -39.77
N GLY A 138 30.33 28.64 -28.46
CA GLY A 138 29.01 28.48 -29.05
C GLY A 138 28.48 27.06 -29.04
N THR A 139 27.22 26.89 -29.46
CA THR A 139 26.53 25.61 -29.45
C THR A 139 26.00 25.32 -30.85
N ALA A 140 25.92 24.03 -31.18
CA ALA A 140 25.58 23.61 -32.54
C ALA A 140 24.70 22.38 -32.52
N ALA A 141 23.77 22.32 -33.47
CA ALA A 141 22.85 21.20 -33.59
C ALA A 141 23.12 20.46 -34.90
N LEU A 142 23.01 19.13 -34.84
CA LEU A 142 23.19 18.30 -36.02
C LEU A 142 22.43 17.01 -35.79
N GLY A 143 22.17 16.27 -36.86
CA GLY A 143 21.36 15.08 -36.69
C GLY A 143 21.29 14.24 -37.94
N CYS A 144 20.34 13.30 -37.91
CA CYS A 144 20.08 12.38 -39.01
C CYS A 144 18.59 12.20 -39.17
N LEU A 145 18.10 12.40 -40.39
CA LEU A 145 16.72 12.09 -40.72
C LEU A 145 16.65 10.64 -41.19
N VAL A 146 15.92 9.82 -40.46
CA VAL A 146 15.76 8.40 -40.76
C VAL A 146 14.36 8.23 -41.34
N LYS A 147 14.26 8.05 -42.66
CA LYS A 147 13.01 8.20 -43.40
C LYS A 147 12.63 6.95 -44.17
N ASP A 148 11.32 6.68 -44.20
CA ASP A 148 10.69 5.71 -45.10
C ASP A 148 11.16 4.29 -44.80
N TYR A 149 11.00 3.89 -43.54
CA TYR A 149 11.29 2.53 -43.15
C TYR A 149 10.02 1.84 -42.66
N PHE A 150 10.10 0.52 -42.55
CA PHE A 150 8.99 -0.26 -42.03
C PHE A 150 9.44 -1.66 -41.63
N PRO A 151 9.07 -2.10 -40.43
CA PRO A 151 8.37 -1.24 -39.46
C PRO A 151 9.23 -0.88 -38.24
N GLU A 152 8.78 0.02 -37.37
CA GLU A 152 9.50 0.19 -36.12
C GLU A 152 9.66 -1.16 -35.42
N PRO A 153 10.70 -1.34 -34.59
CA PRO A 153 11.56 -0.21 -34.16
C PRO A 153 12.77 0.04 -35.04
N VAL A 154 13.28 1.27 -34.94
CA VAL A 154 14.61 1.61 -35.43
C VAL A 154 15.37 2.25 -34.29
N THR A 155 16.69 2.08 -34.28
CA THR A 155 17.54 2.55 -33.19
C THR A 155 18.68 3.38 -33.74
N VAL A 156 18.76 4.63 -33.26
CA VAL A 156 19.83 5.55 -33.63
C VAL A 156 20.82 5.64 -32.47
N SER A 157 22.11 5.68 -32.81
CA SER A 157 23.16 5.96 -31.84
C SER A 157 24.16 6.89 -32.50
N TRP A 158 24.98 7.55 -31.68
CA TRP A 158 25.88 8.59 -32.17
C TRP A 158 27.32 8.24 -31.80
N ASN A 159 28.16 8.14 -32.83
CA ASN A 159 29.56 7.76 -32.67
C ASN A 159 29.67 6.43 -31.91
N SER A 160 28.85 5.47 -32.33
CA SER A 160 28.82 4.11 -31.79
C SER A 160 28.44 4.08 -30.31
N GLY A 161 27.72 5.09 -29.85
CA GLY A 161 27.38 5.19 -28.44
C GLY A 161 28.37 5.97 -27.60
N ALA A 162 29.55 6.30 -28.15
CA ALA A 162 30.52 7.12 -27.44
C ALA A 162 30.03 8.54 -27.20
N LEU A 163 28.88 8.91 -27.78
CA LEU A 163 28.30 10.24 -27.61
C LEU A 163 26.81 10.03 -27.30
N THR A 164 26.45 10.13 -26.03
CA THR A 164 25.06 10.07 -25.60
C THR A 164 24.55 11.40 -25.06
N SER A 165 25.44 12.30 -24.68
CA SER A 165 25.04 13.55 -24.06
C SER A 165 24.43 14.49 -25.09
N GLY A 166 23.25 15.04 -24.75
CA GLY A 166 22.59 15.98 -25.62
C GLY A 166 21.88 15.38 -26.81
N VAL A 167 21.71 14.06 -26.85
CA VAL A 167 21.05 13.39 -27.96
C VAL A 167 19.56 13.31 -27.67
N HIS A 168 18.76 13.75 -28.64
CA HIS A 168 17.32 13.51 -28.65
C HIS A 168 16.96 12.74 -29.90
N THR A 169 16.16 11.67 -29.73
CA THR A 169 15.61 10.92 -30.85
C THR A 169 14.10 10.96 -30.76
N PHE A 170 13.48 11.44 -31.77
CA PHE A 170 12.06 11.71 -31.64
C PHE A 170 11.24 10.46 -31.98
N PRO A 171 10.08 10.32 -31.34
CA PRO A 171 9.18 9.23 -31.70
C PRO A 171 8.84 9.27 -33.18
N ALA A 172 8.76 8.10 -33.78
CA ALA A 172 8.49 8.02 -35.21
C ALA A 172 7.08 8.51 -35.51
N VAL A 173 6.91 8.98 -36.75
CA VAL A 173 5.62 9.45 -37.24
C VAL A 173 5.28 8.66 -38.48
N LEU A 174 4.05 8.14 -38.55
CA LEU A 174 3.58 7.46 -39.76
C LEU A 174 3.04 8.51 -40.71
N GLN A 175 3.74 8.70 -41.82
CA GLN A 175 3.34 9.67 -42.83
C GLN A 175 2.32 9.04 -43.79
N SER A 176 1.76 9.90 -44.66
CA SER A 176 0.63 9.48 -45.49
C SER A 176 0.96 8.25 -46.34
N SER A 177 2.20 8.15 -46.82
CA SER A 177 2.63 7.01 -47.62
C SER A 177 2.43 5.69 -46.89
N GLY A 178 2.24 5.71 -45.57
CA GLY A 178 2.19 4.50 -44.79
C GLY A 178 3.52 4.00 -44.31
N LEU A 179 4.54 4.86 -44.28
CA LEU A 179 5.88 4.50 -43.84
C LEU A 179 6.23 5.28 -42.58
N TYR A 180 7.41 5.00 -42.04
CA TYR A 180 7.85 5.55 -40.78
C TYR A 180 9.03 6.48 -40.98
N SER A 181 9.01 7.61 -40.27
CA SER A 181 10.04 8.63 -40.37
C SER A 181 10.30 9.22 -39.00
N LEU A 182 11.57 9.28 -38.60
CA LEU A 182 11.95 9.98 -37.38
C LEU A 182 13.25 10.74 -37.63
N SER A 183 13.53 11.65 -36.70
CA SER A 183 14.79 12.38 -36.67
C SER A 183 15.46 12.16 -35.32
N SER A 184 16.79 12.10 -35.35
CA SER A 184 17.60 12.04 -34.14
C SER A 184 18.63 13.16 -34.23
N VAL A 185 18.77 13.94 -33.16
CA VAL A 185 19.62 15.11 -33.16
C VAL A 185 20.50 15.09 -31.92
N VAL A 186 21.65 15.77 -32.02
CA VAL A 186 22.59 15.90 -30.92
C VAL A 186 23.11 17.33 -30.90
N THR A 187 23.32 17.86 -29.69
CA THR A 187 23.92 19.17 -29.50
C THR A 187 25.41 19.01 -29.19
N VAL A 188 26.24 19.78 -29.85
CA VAL A 188 27.69 19.73 -29.68
C VAL A 188 28.24 21.15 -29.73
N PRO A 189 29.45 21.36 -29.19
CA PRO A 189 30.05 22.69 -29.26
C PRO A 189 30.39 23.08 -30.70
N SER A 190 30.20 24.37 -31.00
CA SER A 190 30.52 24.88 -32.32
C SER A 190 31.99 24.68 -32.66
N SER A 191 32.87 24.89 -31.68
CA SER A 191 34.30 24.81 -31.91
C SER A 191 34.77 23.43 -32.36
N SER A 192 33.91 22.41 -32.27
CA SER A 192 34.29 21.03 -32.57
C SER A 192 33.94 20.61 -33.99
N LEU A 193 33.28 21.48 -34.76
CA LEU A 193 32.60 21.03 -35.98
C LEU A 193 33.60 20.58 -37.04
N GLY A 194 34.65 21.37 -37.27
CA GLY A 194 35.63 20.99 -38.28
C GLY A 194 36.39 19.72 -37.91
N THR A 195 36.83 19.63 -36.66
CA THR A 195 37.76 18.59 -36.24
C THR A 195 37.08 17.28 -35.85
N GLN A 196 36.08 17.35 -34.97
CA GLN A 196 35.41 16.13 -34.53
C GLN A 196 34.52 15.58 -35.64
N THR A 197 34.52 14.25 -35.76
CA THR A 197 33.70 13.56 -36.74
C THR A 197 32.47 13.00 -36.05
N TYR A 198 31.31 13.17 -36.68
CA TYR A 198 30.02 12.82 -36.07
C TYR A 198 29.28 11.86 -36.99
N ILE A 199 29.02 10.65 -36.50
CA ILE A 199 28.33 9.62 -37.28
C ILE A 199 27.15 9.12 -36.48
N CYS A 200 25.96 9.15 -37.08
CA CYS A 200 24.84 8.42 -36.53
C CYS A 200 24.87 6.99 -37.06
N ASN A 201 24.46 6.06 -36.21
CA ASN A 201 24.49 4.63 -36.53
C ASN A 201 23.05 4.15 -36.46
N VAL A 202 22.44 3.96 -37.63
CA VAL A 202 21.06 3.54 -37.73
C VAL A 202 21.03 2.03 -37.89
N ASN A 203 20.23 1.37 -37.05
CA ASN A 203 20.07 -0.08 -37.08
C ASN A 203 18.59 -0.37 -37.10
N HIS A 204 18.15 -1.15 -38.09
CA HIS A 204 16.73 -1.48 -38.27
C HIS A 204 16.64 -3.00 -38.43
N LYS A 205 16.62 -3.69 -37.29
CA LYS A 205 16.58 -5.15 -37.28
C LYS A 205 15.43 -5.77 -38.08
N PRO A 206 14.20 -5.23 -38.06
CA PRO A 206 13.12 -5.89 -38.82
C PRO A 206 13.43 -6.08 -40.29
N SER A 207 14.06 -5.10 -40.92
CA SER A 207 14.55 -5.28 -42.29
C SER A 207 16.00 -5.76 -42.33
N ASN A 208 16.64 -5.90 -41.18
CA ASN A 208 17.98 -6.49 -41.08
C ASN A 208 19.00 -5.60 -41.79
N THR A 209 19.00 -4.32 -41.40
CA THR A 209 19.61 -3.26 -42.20
C THR A 209 20.45 -2.38 -41.28
N LYS A 210 21.59 -1.89 -41.78
CA LYS A 210 22.45 -1.06 -40.95
C LYS A 210 23.14 0.01 -41.78
N VAL A 211 23.12 1.26 -41.31
CA VAL A 211 23.66 2.40 -42.03
C VAL A 211 24.45 3.28 -41.07
N ASP A 212 25.62 3.74 -41.53
CA ASP A 212 26.41 4.77 -40.85
C ASP A 212 26.63 5.91 -41.82
N LYS A 213 26.41 7.15 -41.37
CA LYS A 213 26.75 8.30 -42.19
C LYS A 213 27.45 9.38 -41.40
N LYS A 214 28.41 10.01 -42.06
CA LYS A 214 29.07 11.16 -41.50
C LYS A 214 28.19 12.39 -41.70
N VAL A 215 27.96 13.14 -40.64
CA VAL A 215 27.17 14.37 -40.68
C VAL A 215 28.14 15.53 -40.49
N GLU A 216 28.10 16.49 -41.40
CA GLU A 216 29.18 17.47 -41.48
C GLU A 216 28.68 18.73 -42.16
N PRO A 217 29.31 19.89 -41.89
CA PRO A 217 28.89 21.19 -42.43
C PRO A 217 29.29 21.38 -43.89
N GLU B 1 -19.90 -3.41 -20.64
CA GLU B 1 -18.59 -3.23 -20.04
C GLU B 1 -18.56 -1.96 -19.18
N ILE B 2 -17.81 -2.04 -18.07
CA ILE B 2 -17.57 -0.85 -17.26
C ILE B 2 -16.65 0.09 -18.02
N VAL B 3 -17.09 1.33 -18.18
CA VAL B 3 -16.26 2.36 -18.81
C VAL B 3 -15.61 3.17 -17.71
N LEU B 4 -14.29 3.30 -17.77
CA LEU B 4 -13.49 3.93 -16.72
C LEU B 4 -12.95 5.26 -17.22
N THR B 5 -13.36 6.34 -16.57
CA THR B 5 -12.99 7.69 -16.97
C THR B 5 -12.02 8.25 -15.95
N GLN B 6 -10.86 8.70 -16.42
CA GLN B 6 -9.81 9.23 -15.56
C GLN B 6 -9.62 10.72 -15.81
N SER B 7 -9.48 11.49 -14.74
CA SER B 7 -9.21 12.91 -14.84
C SER B 7 -8.34 13.31 -13.65
N PRO B 8 -7.48 14.33 -13.82
CA PRO B 8 -7.25 15.05 -15.08
C PRO B 8 -6.47 14.21 -16.09
N GLY B 9 -6.66 14.47 -17.38
CA GLY B 9 -5.90 13.76 -18.38
C GLY B 9 -4.41 13.94 -18.21
N THR B 10 -3.99 15.16 -17.88
CA THR B 10 -2.59 15.45 -17.61
C THR B 10 -2.51 16.34 -16.37
N LEU B 11 -1.34 16.32 -15.73
CA LEU B 11 -1.22 16.91 -14.39
C LEU B 11 0.24 17.30 -14.19
N SER B 12 0.51 18.61 -14.14
CA SER B 12 1.86 19.14 -14.02
C SER B 12 2.07 19.64 -12.60
N LEU B 13 2.97 18.97 -11.86
CA LEU B 13 3.25 19.27 -10.47
C LEU B 13 4.76 19.34 -10.28
N SER B 14 5.18 19.69 -9.08
CA SER B 14 6.61 19.79 -8.81
C SER B 14 7.02 18.83 -7.71
N PRO B 15 8.23 18.27 -7.80
CA PRO B 15 8.67 17.30 -6.78
C PRO B 15 8.50 17.83 -5.36
N GLY B 16 8.01 16.97 -4.48
CA GLY B 16 7.61 17.37 -3.14
C GLY B 16 6.15 17.71 -3.00
N GLU B 17 5.46 18.00 -4.09
CA GLU B 17 4.06 18.39 -4.02
C GLU B 17 3.16 17.16 -3.91
N ARG B 18 1.87 17.43 -3.73
CA ARG B 18 0.85 16.41 -3.54
C ARG B 18 0.06 16.19 -4.82
N ALA B 19 -0.17 14.92 -5.15
CA ALA B 19 -0.90 14.55 -6.35
C ALA B 19 -2.19 13.83 -5.98
N THR B 20 -3.28 14.17 -6.65
CA THR B 20 -4.58 13.54 -6.43
C THR B 20 -5.16 13.18 -7.79
N LEU B 21 -5.12 11.89 -8.12
CA LEU B 21 -5.65 11.36 -9.37
C LEU B 21 -7.05 10.80 -9.12
N SER B 22 -7.92 10.91 -10.12
CA SER B 22 -9.30 10.49 -9.99
C SER B 22 -9.65 9.49 -11.10
N CYS B 23 -10.55 8.57 -10.75
CA CYS B 23 -11.04 7.56 -11.70
C CYS B 23 -12.48 7.27 -11.34
N ARG B 24 -13.41 7.66 -12.20
CA ARG B 24 -14.83 7.43 -11.99
C ARG B 24 -15.33 6.33 -12.92
N ALA B 25 -16.25 5.50 -12.43
CA ALA B 25 -16.68 4.29 -13.10
C ALA B 25 -18.12 4.41 -13.57
N SER B 26 -18.40 3.87 -14.76
CA SER B 26 -19.73 3.98 -15.37
C SER B 26 -20.81 3.28 -14.56
N GLN B 27 -20.46 2.41 -13.63
CA GLN B 27 -21.41 1.85 -12.67
C GLN B 27 -20.61 1.17 -11.56
N GLY B 28 -21.32 0.77 -10.51
CA GLY B 28 -20.70 0.20 -9.33
C GLY B 28 -19.70 -0.90 -9.59
N VAL B 29 -18.51 -0.76 -9.03
CA VAL B 29 -17.48 -1.80 -9.07
C VAL B 29 -16.99 -2.04 -7.66
N SER B 30 -17.78 -1.61 -6.68
CA SER B 30 -17.52 -1.81 -5.26
C SER B 30 -16.09 -1.38 -4.90
N SER B 31 -15.33 -2.29 -4.30
CA SER B 31 -13.94 -2.04 -3.95
C SER B 31 -12.96 -2.70 -4.90
N PHE B 32 -13.44 -3.21 -6.03
CA PHE B 32 -12.63 -4.04 -6.92
C PHE B 32 -11.92 -3.16 -7.96
N LEU B 33 -10.90 -2.43 -7.48
CA LEU B 33 -10.19 -1.48 -8.31
C LEU B 33 -8.70 -1.60 -8.05
N ALA B 34 -7.90 -1.55 -9.11
CA ALA B 34 -6.45 -1.52 -9.00
C ALA B 34 -5.89 -0.30 -9.73
N TRP B 35 -4.70 0.14 -9.30
CA TRP B 35 -3.99 1.26 -9.92
C TRP B 35 -2.63 0.79 -10.41
N TYR B 36 -2.20 1.31 -11.57
CA TYR B 36 -0.94 0.92 -12.17
C TYR B 36 -0.12 2.15 -12.56
N GLN B 37 1.20 1.97 -12.58
CA GLN B 37 2.14 3.00 -12.98
C GLN B 37 2.92 2.52 -14.19
N GLN B 38 2.99 3.34 -15.24
CA GLN B 38 3.71 3.00 -16.45
C GLN B 38 4.64 4.14 -16.84
N LYS B 39 5.93 3.84 -16.91
CA LYS B 39 6.96 4.71 -17.45
C LYS B 39 7.12 4.45 -18.94
N PRO B 40 7.62 5.42 -19.71
CA PRO B 40 7.69 5.23 -21.17
C PRO B 40 8.67 4.14 -21.54
N GLY B 41 8.23 3.25 -22.43
CA GLY B 41 9.09 2.20 -22.95
C GLY B 41 9.16 0.94 -22.12
N GLN B 42 8.50 0.89 -20.96
CA GLN B 42 8.50 -0.30 -20.13
C GLN B 42 7.09 -0.64 -19.68
N ALA B 43 6.96 -1.82 -19.06
CA ALA B 43 5.67 -2.40 -18.75
C ALA B 43 5.04 -1.78 -17.50
N PRO B 44 3.71 -1.78 -17.40
CA PRO B 44 3.07 -1.22 -16.21
C PRO B 44 3.42 -1.99 -14.95
N ARG B 45 3.19 -1.33 -13.81
CA ARG B 45 3.61 -1.78 -12.50
C ARG B 45 2.47 -1.58 -11.53
N LEU B 46 2.06 -2.65 -10.85
CA LEU B 46 0.93 -2.57 -9.93
C LEU B 46 1.31 -1.78 -8.69
N LEU B 47 0.44 -0.85 -8.28
CA LEU B 47 0.66 -0.02 -7.10
C LEU B 47 -0.28 -0.40 -5.95
N ILE B 48 -1.59 -0.38 -6.19
CA ILE B 48 -2.55 -0.84 -5.20
C ILE B 48 -3.58 -1.75 -5.85
N HIS B 49 -4.20 -2.60 -5.03
CA HIS B 49 -5.33 -3.40 -5.41
C HIS B 49 -6.41 -3.22 -4.35
N GLY B 50 -7.63 -3.63 -4.69
CA GLY B 50 -8.73 -3.51 -3.74
C GLY B 50 -9.01 -2.09 -3.30
N ALA B 51 -8.72 -1.11 -4.17
CA ALA B 51 -8.99 0.30 -3.94
C ALA B 51 -8.12 0.92 -2.85
N SER B 52 -7.46 0.11 -2.02
CA SER B 52 -6.73 0.73 -0.91
C SER B 52 -5.64 -0.14 -0.31
N SER B 53 -5.17 -1.19 -0.96
CA SER B 53 -4.12 -2.06 -0.42
C SER B 53 -2.85 -1.87 -1.25
N ARG B 54 -1.79 -1.40 -0.60
CA ARG B 54 -0.51 -1.28 -1.29
C ARG B 54 -0.01 -2.64 -1.75
N ALA B 55 0.56 -2.68 -2.94
CA ALA B 55 1.21 -3.89 -3.43
C ALA B 55 2.53 -4.10 -2.69
N THR B 56 3.23 -5.17 -3.06
CA THR B 56 4.51 -5.46 -2.42
C THR B 56 5.56 -4.46 -2.86
N GLY B 57 6.29 -3.90 -1.89
CA GLY B 57 7.35 -2.97 -2.18
C GLY B 57 6.92 -1.61 -2.66
N ILE B 58 5.66 -1.25 -2.48
CA ILE B 58 5.15 0.05 -2.93
C ILE B 58 5.30 1.04 -1.78
N PRO B 59 6.03 2.14 -1.96
CA PRO B 59 6.14 3.12 -0.89
C PRO B 59 4.81 3.71 -0.48
N ASP B 60 4.80 4.16 0.76
CA ASP B 60 3.68 4.49 1.58
C ASP B 60 3.03 5.80 1.18
N ARG B 61 3.79 6.65 0.48
CA ARG B 61 3.27 7.89 -0.09
C ARG B 61 2.20 7.63 -1.14
N PHE B 62 2.11 6.40 -1.65
CA PHE B 62 1.01 6.00 -2.51
C PHE B 62 -0.12 5.45 -1.65
N SER B 63 -1.35 5.86 -1.97
CA SER B 63 -2.50 5.45 -1.17
C SER B 63 -3.76 5.54 -2.02
N GLY B 64 -4.67 4.60 -1.79
CA GLY B 64 -5.89 4.49 -2.58
C GLY B 64 -7.13 4.71 -1.73
N SER B 65 -8.13 5.36 -2.33
CA SER B 65 -9.41 5.61 -1.68
C SER B 65 -10.54 5.35 -2.66
N GLY B 66 -11.74 5.27 -2.13
CA GLY B 66 -12.92 5.19 -2.95
C GLY B 66 -13.60 3.83 -2.88
N SER B 67 -14.89 3.84 -3.23
CA SER B 67 -15.71 2.65 -3.31
C SER B 67 -16.92 2.97 -4.18
N GLY B 68 -17.33 2.00 -4.99
CA GLY B 68 -18.52 2.16 -5.81
C GLY B 68 -18.24 2.66 -7.21
N THR B 69 -18.21 3.97 -7.40
CA THR B 69 -17.91 4.56 -8.69
C THR B 69 -16.86 5.66 -8.65
N ASP B 70 -16.49 6.16 -7.48
CA ASP B 70 -15.57 7.29 -7.35
C ASP B 70 -14.35 6.85 -6.56
N PHE B 71 -13.20 6.77 -7.22
CA PHE B 71 -11.96 6.36 -6.58
C PHE B 71 -10.87 7.39 -6.85
N THR B 72 -9.94 7.49 -5.91
CA THR B 72 -8.83 8.42 -6.04
C THR B 72 -7.54 7.76 -5.58
N LEU B 73 -6.47 8.01 -6.31
CA LEU B 73 -5.12 7.65 -5.92
C LEU B 73 -4.38 8.92 -5.51
N THR B 74 -3.66 8.86 -4.39
CA THR B 74 -2.96 10.03 -3.87
C THR B 74 -1.50 9.68 -3.66
N ILE B 75 -0.61 10.49 -4.23
CA ILE B 75 0.80 10.46 -3.88
C ILE B 75 1.05 11.61 -2.91
N THR B 76 1.63 11.28 -1.76
CA THR B 76 1.75 12.26 -0.68
C THR B 76 2.81 13.31 -1.00
N ARG B 77 4.03 12.87 -1.27
CA ARG B 77 5.22 13.70 -1.35
C ARG B 77 5.94 13.22 -2.60
N LEU B 78 5.65 13.88 -3.73
CA LEU B 78 6.08 13.41 -5.04
C LEU B 78 7.59 13.37 -5.13
N GLU B 79 8.12 12.19 -5.43
CA GLU B 79 9.54 12.01 -5.66
C GLU B 79 9.84 12.12 -7.15
N PRO B 80 11.08 12.40 -7.53
CA PRO B 80 11.41 12.57 -8.96
C PRO B 80 11.17 11.33 -9.80
N GLU B 81 10.97 10.16 -9.20
CA GLU B 81 10.71 8.94 -9.94
C GLU B 81 9.24 8.53 -9.91
N ASP B 82 8.36 9.38 -9.38
CA ASP B 82 6.93 9.13 -9.37
C ASP B 82 6.22 9.75 -10.55
N PHE B 83 6.96 10.26 -11.53
CA PHE B 83 6.38 11.02 -12.64
C PHE B 83 6.21 10.08 -13.83
N ALA B 84 4.99 9.65 -14.06
CA ALA B 84 4.69 8.64 -15.07
C ALA B 84 3.21 8.73 -15.42
N VAL B 85 2.71 7.70 -16.09
CA VAL B 85 1.29 7.56 -16.42
C VAL B 85 0.67 6.57 -15.46
N TYR B 86 -0.53 6.86 -14.97
CA TYR B 86 -1.21 6.04 -13.97
C TYR B 86 -2.57 5.60 -14.51
N TYR B 87 -2.83 4.29 -14.47
CA TYR B 87 -4.07 3.72 -14.95
C TYR B 87 -4.86 3.11 -13.79
N CYS B 88 -6.18 3.21 -13.87
CA CYS B 88 -7.07 2.45 -13.00
C CYS B 88 -7.65 1.27 -13.77
N GLN B 89 -8.03 0.23 -13.04
CA GLN B 89 -8.51 -1.01 -13.66
C GLN B 89 -9.52 -1.67 -12.75
N GLN B 90 -10.76 -1.79 -13.22
CA GLN B 90 -11.81 -2.44 -12.45
C GLN B 90 -11.82 -3.94 -12.72
N TYR B 91 -12.10 -4.71 -11.68
CA TYR B 91 -12.28 -6.15 -11.81
C TYR B 91 -13.51 -6.60 -11.03
N GLY B 92 -14.62 -5.91 -11.26
CA GLY B 92 -15.88 -6.25 -10.62
C GLY B 92 -16.86 -6.93 -11.53
N SER B 93 -16.69 -6.78 -12.84
CA SER B 93 -17.67 -7.30 -13.79
C SER B 93 -17.03 -7.47 -15.15
N SER B 94 -17.79 -8.12 -16.05
CA SER B 94 -17.69 -7.97 -17.53
C SER B 94 -16.27 -8.25 -17.99
N PRO B 95 -15.80 -7.74 -19.13
CA PRO B 95 -14.35 -7.67 -19.30
C PRO B 95 -13.75 -6.77 -18.26
N ARG B 96 -12.55 -7.14 -17.82
CA ARG B 96 -11.76 -6.21 -16.99
C ARG B 96 -11.33 -5.05 -17.87
N THR B 97 -11.44 -3.83 -17.36
CA THR B 97 -11.23 -2.64 -18.17
C THR B 97 -10.33 -1.66 -17.46
N PHE B 98 -9.57 -0.90 -18.25
CA PHE B 98 -8.61 0.08 -17.78
C PHE B 98 -9.06 1.49 -18.12
N GLY B 99 -8.70 2.44 -17.26
CA GLY B 99 -8.88 3.83 -17.60
C GLY B 99 -7.96 4.23 -18.74
N GLN B 100 -8.13 5.47 -19.22
CA GLN B 100 -7.35 5.93 -20.35
C GLN B 100 -6.01 6.55 -19.94
N GLY B 101 -5.81 6.82 -18.66
CA GLY B 101 -4.51 7.24 -18.16
C GLY B 101 -4.54 8.65 -17.57
N THR B 102 -3.41 8.99 -16.95
CA THR B 102 -3.19 10.34 -16.43
C THR B 102 -1.68 10.56 -16.42
N LYS B 103 -1.20 11.48 -17.25
CA LYS B 103 0.22 11.80 -17.24
C LYS B 103 0.52 12.76 -16.10
N VAL B 104 1.45 12.38 -15.24
CA VAL B 104 1.92 13.23 -14.15
C VAL B 104 3.28 13.76 -14.56
N GLU B 105 3.29 14.98 -15.06
CA GLU B 105 4.50 15.62 -15.56
C GLU B 105 5.06 16.55 -14.49
N ILE B 106 6.38 16.64 -14.43
CA ILE B 106 7.01 17.62 -13.56
C ILE B 106 6.83 19.01 -14.14
N LYS B 107 6.43 19.96 -13.30
CA LYS B 107 6.45 21.38 -13.61
C LYS B 107 7.74 22.03 -13.11
N ARG B 108 8.35 22.83 -13.98
CA ARG B 108 9.58 23.54 -13.69
C ARG B 108 9.46 24.97 -14.21
N THR B 109 10.55 25.72 -14.16
CA THR B 109 10.50 27.12 -14.57
C THR B 109 10.43 27.19 -16.09
N VAL B 110 9.92 28.32 -16.59
CA VAL B 110 9.84 28.52 -18.02
C VAL B 110 11.24 28.48 -18.63
N ALA B 111 11.38 27.70 -19.70
CA ALA B 111 12.64 27.58 -20.43
C ALA B 111 12.36 27.78 -21.92
N ALA B 112 13.13 28.67 -22.55
CA ALA B 112 12.87 28.95 -23.96
C ALA B 112 13.65 27.99 -24.84
N PRO B 113 13.10 27.62 -26.00
CA PRO B 113 13.82 26.74 -26.91
C PRO B 113 14.86 27.50 -27.73
N SER B 114 15.94 26.80 -28.05
CA SER B 114 16.86 27.27 -29.07
C SER B 114 16.47 26.62 -30.39
N VAL B 115 16.40 27.42 -31.44
CA VAL B 115 15.79 27.01 -32.70
C VAL B 115 16.87 26.76 -33.73
N PHE B 116 16.71 25.67 -34.48
CA PHE B 116 17.61 25.31 -35.56
C PHE B 116 16.77 24.88 -36.76
N ILE B 117 17.22 25.26 -37.94
CA ILE B 117 16.55 24.87 -39.18
C ILE B 117 17.57 24.15 -40.04
N PHE B 118 17.13 23.07 -40.69
CA PHE B 118 18.02 22.19 -41.43
C PHE B 118 17.54 22.06 -42.86
N PRO B 119 18.33 22.50 -43.85
CA PRO B 119 17.95 22.32 -45.25
C PRO B 119 18.15 20.88 -45.68
N PRO B 120 17.37 20.40 -46.64
CA PRO B 120 17.49 19.00 -47.06
C PRO B 120 18.85 18.74 -47.69
N SER B 121 19.29 17.48 -47.58
CA SER B 121 20.57 17.08 -48.15
C SER B 121 20.45 16.93 -49.67
N ASP B 122 21.59 17.12 -50.34
CA ASP B 122 21.69 16.74 -51.76
C ASP B 122 21.35 15.28 -52.00
N GLU B 123 21.70 14.38 -51.09
CA GLU B 123 21.36 12.97 -51.30
C GLU B 123 19.85 12.79 -51.38
N GLN B 124 19.11 13.42 -50.46
CA GLN B 124 17.66 13.28 -50.47
C GLN B 124 17.04 13.97 -51.68
N LEU B 125 17.56 15.14 -52.06
CA LEU B 125 17.04 15.85 -53.21
C LEU B 125 17.07 14.97 -54.45
N LYS B 126 18.14 14.22 -54.64
CA LYS B 126 18.24 13.29 -55.77
C LYS B 126 17.05 12.32 -55.79
N SER B 127 16.61 11.87 -54.62
CA SER B 127 15.49 10.94 -54.53
C SER B 127 14.17 11.57 -54.97
N GLY B 128 14.11 12.90 -55.14
CA GLY B 128 12.91 13.56 -55.58
C GLY B 128 12.07 14.18 -54.48
N THR B 129 12.52 14.10 -53.22
CA THR B 129 11.77 14.63 -52.09
C THR B 129 12.66 15.57 -51.29
N ALA B 130 12.06 16.62 -50.75
CA ALA B 130 12.74 17.56 -49.87
C ALA B 130 12.07 17.54 -48.50
N SER B 131 12.87 17.49 -47.45
CA SER B 131 12.38 17.55 -46.08
C SER B 131 13.15 18.65 -45.36
N VAL B 132 12.43 19.70 -44.94
CA VAL B 132 13.00 20.77 -44.13
C VAL B 132 12.64 20.49 -42.68
N VAL B 133 13.62 20.56 -41.80
CA VAL B 133 13.46 20.19 -40.40
C VAL B 133 13.72 21.42 -39.53
N CYS B 134 12.81 21.70 -38.61
CA CYS B 134 12.96 22.76 -37.63
C CYS B 134 13.06 22.13 -36.25
N LEU B 135 14.11 22.46 -35.52
CA LEU B 135 14.38 21.84 -34.22
C LEU B 135 14.24 22.88 -33.11
N LEU B 136 13.41 22.56 -32.12
CA LEU B 136 13.24 23.36 -30.91
C LEU B 136 13.79 22.54 -29.75
N ASN B 137 14.84 23.05 -29.11
CA ASN B 137 15.64 22.27 -28.17
C ASN B 137 15.41 22.72 -26.73
N ASN B 138 15.02 21.77 -25.88
CA ASN B 138 15.10 21.90 -24.42
C ASN B 138 14.31 23.12 -23.91
N PHE B 139 13.00 22.98 -23.96
CA PHE B 139 12.12 24.07 -23.51
C PHE B 139 11.06 23.55 -22.55
N TYR B 140 10.37 24.49 -21.91
CA TYR B 140 9.25 24.26 -21.02
C TYR B 140 8.50 25.58 -20.85
N PRO B 141 7.15 25.57 -20.81
CA PRO B 141 6.25 24.41 -20.87
C PRO B 141 6.19 23.77 -22.25
N ARG B 142 5.39 22.72 -22.37
CA ARG B 142 5.42 21.91 -23.59
C ARG B 142 4.76 22.63 -24.76
N GLU B 143 3.71 23.40 -24.49
CA GLU B 143 2.98 24.04 -25.58
C GLU B 143 3.86 25.06 -26.28
N ALA B 144 4.11 24.78 -27.57
CA ALA B 144 4.84 25.66 -28.45
C ALA B 144 4.13 25.64 -29.79
N LYS B 145 4.33 26.72 -30.56
CA LYS B 145 3.76 26.83 -31.89
C LYS B 145 4.87 27.03 -32.91
N VAL B 146 4.84 26.22 -33.97
CA VAL B 146 5.76 26.31 -35.08
C VAL B 146 4.98 26.78 -36.30
N GLN B 147 5.52 27.77 -37.01
CA GLN B 147 4.89 28.31 -38.20
C GLN B 147 5.92 28.27 -39.32
N TRP B 148 5.61 27.56 -40.39
CA TRP B 148 6.48 27.53 -41.56
C TRP B 148 6.15 28.69 -42.49
N LYS B 149 7.20 29.31 -43.02
CA LYS B 149 7.07 30.43 -43.95
C LYS B 149 7.92 30.10 -45.17
N VAL B 150 7.29 30.00 -46.34
CA VAL B 150 7.98 29.76 -47.60
C VAL B 150 7.87 31.02 -48.43
N ASP B 151 9.01 31.64 -48.70
CA ASP B 151 9.06 32.97 -49.32
C ASP B 151 8.13 33.94 -48.60
N ASN B 152 8.02 33.75 -47.29
CA ASN B 152 7.30 34.61 -46.34
C ASN B 152 5.80 34.38 -46.45
N ALA B 153 5.41 33.37 -47.22
CA ALA B 153 4.03 32.89 -47.23
C ALA B 153 3.87 31.81 -46.18
N LEU B 154 2.86 31.94 -45.34
CA LEU B 154 2.65 31.01 -44.25
C LEU B 154 2.07 29.71 -44.77
N GLN B 155 2.72 28.61 -44.46
CA GLN B 155 2.28 27.31 -44.96
C GLN B 155 1.34 26.64 -43.97
N SER B 156 0.64 25.62 -44.46
CA SER B 156 -0.37 24.94 -43.65
C SER B 156 -0.77 23.60 -44.27
N GLY B 157 -0.77 22.55 -43.47
CA GLY B 157 -1.19 21.25 -43.95
C GLY B 157 -0.16 20.50 -44.77
N ASN B 158 1.13 20.75 -44.53
CA ASN B 158 2.18 20.02 -45.22
C ASN B 158 3.38 19.75 -44.31
N SER B 159 3.16 19.74 -42.99
CA SER B 159 4.24 19.56 -42.03
C SER B 159 3.74 18.71 -40.88
N GLN B 160 4.65 17.95 -40.30
CA GLN B 160 4.34 17.10 -39.15
C GLN B 160 5.37 17.37 -38.06
N GLU B 161 4.92 17.30 -36.81
CA GLU B 161 5.81 17.56 -35.69
C GLU B 161 5.75 16.42 -34.69
N SER B 162 6.76 16.40 -33.83
CA SER B 162 7.02 15.29 -32.92
C SER B 162 7.69 15.84 -31.68
N VAL B 163 7.21 15.42 -30.51
CA VAL B 163 7.72 15.89 -29.22
C VAL B 163 8.38 14.72 -28.52
N THR B 164 9.40 15.02 -27.72
CA THR B 164 10.01 14.03 -26.86
C THR B 164 9.24 13.94 -25.54
N GLU B 165 9.62 12.96 -24.73
CA GLU B 165 9.20 12.94 -23.34
C GLU B 165 10.12 13.84 -22.52
N GLN B 166 9.62 14.28 -21.37
CA GLN B 166 10.42 15.15 -20.50
C GLN B 166 11.80 14.55 -20.25
N ASP B 167 12.81 15.40 -20.35
CA ASP B 167 14.19 14.96 -20.15
C ASP B 167 14.42 14.73 -18.66
N SER B 168 14.94 13.55 -18.33
CA SER B 168 15.14 13.20 -16.93
C SER B 168 16.10 14.15 -16.25
N LYS B 169 16.99 14.77 -17.03
CA LYS B 169 17.97 15.64 -16.40
C LYS B 169 17.35 16.95 -16.00
N ASP B 170 16.90 17.73 -16.98
CA ASP B 170 16.44 19.10 -16.80
C ASP B 170 14.94 19.28 -17.00
N SER B 171 14.18 18.19 -17.16
CA SER B 171 12.71 18.24 -17.18
C SER B 171 12.18 19.06 -18.36
N THR B 172 12.89 19.06 -19.48
CA THR B 172 12.49 19.85 -20.63
C THR B 172 12.03 18.96 -21.79
N TYR B 173 11.33 19.58 -22.73
CA TYR B 173 10.93 18.93 -23.96
C TYR B 173 11.78 19.42 -25.12
N SER B 174 11.84 18.61 -26.16
CA SER B 174 12.34 19.03 -27.47
C SER B 174 11.30 18.69 -28.51
N LEU B 175 11.40 19.35 -29.66
CA LEU B 175 10.38 19.24 -30.68
C LEU B 175 11.02 19.41 -32.04
N SER B 176 10.57 18.61 -33.01
CA SER B 176 10.98 18.73 -34.39
C SER B 176 9.75 18.92 -35.26
N SER B 177 9.90 19.70 -36.32
CA SER B 177 8.86 19.91 -37.31
C SER B 177 9.43 19.62 -38.69
N THR B 178 8.69 18.88 -39.50
CA THR B 178 9.19 18.43 -40.80
C THR B 178 8.23 18.88 -41.90
N LEU B 179 8.61 19.95 -42.59
CA LEU B 179 7.96 20.36 -43.83
C LEU B 179 8.44 19.47 -44.95
N THR B 180 7.51 18.88 -45.70
CA THR B 180 7.85 17.97 -46.79
C THR B 180 7.30 18.50 -48.10
N LEU B 181 8.11 18.46 -49.15
CA LEU B 181 7.65 18.91 -50.46
C LEU B 181 8.25 17.99 -51.51
N SER B 182 7.70 18.05 -52.71
CA SER B 182 8.39 17.46 -53.84
C SER B 182 9.67 18.24 -54.14
N LYS B 183 10.61 17.59 -54.84
CA LYS B 183 11.78 18.30 -55.33
C LYS B 183 11.37 19.53 -56.15
N ALA B 184 10.29 19.40 -56.92
CA ALA B 184 9.82 20.50 -57.76
C ALA B 184 9.30 21.66 -56.91
N ASP B 185 8.27 21.39 -56.11
CA ASP B 185 7.71 22.45 -55.26
C ASP B 185 8.75 23.03 -54.32
N TYR B 186 9.74 22.24 -53.91
CA TYR B 186 10.81 22.77 -53.08
C TYR B 186 11.68 23.73 -53.88
N GLU B 187 12.03 23.38 -55.11
CA GLU B 187 13.01 24.12 -55.89
C GLU B 187 12.45 25.37 -56.53
N LYS B 188 11.15 25.61 -56.45
CA LYS B 188 10.55 26.81 -57.03
C LYS B 188 10.37 27.91 -55.99
N HIS B 189 10.90 27.73 -54.78
CA HIS B 189 10.81 28.74 -53.74
C HIS B 189 12.20 29.07 -53.21
N LYS B 190 12.31 30.23 -52.59
CA LYS B 190 13.60 30.88 -52.35
C LYS B 190 14.02 30.79 -50.89
N VAL B 191 13.21 31.32 -49.98
CA VAL B 191 13.56 31.45 -48.57
C VAL B 191 12.62 30.60 -47.74
N TYR B 192 13.17 29.63 -47.03
CA TYR B 192 12.43 28.82 -46.07
C TYR B 192 12.70 29.32 -44.66
N ALA B 193 11.66 29.36 -43.84
CA ALA B 193 11.78 29.94 -42.51
C ALA B 193 10.86 29.21 -41.54
N CYS B 194 11.24 29.24 -40.27
CA CYS B 194 10.51 28.59 -39.20
C CYS B 194 10.33 29.58 -38.07
N GLU B 195 9.08 29.88 -37.71
CA GLU B 195 8.75 30.87 -36.70
C GLU B 195 8.21 30.17 -35.46
N VAL B 196 8.83 30.42 -34.32
CA VAL B 196 8.54 29.72 -33.07
C VAL B 196 7.96 30.70 -32.07
N THR B 197 6.77 30.39 -31.55
CA THR B 197 6.16 31.14 -30.47
C THR B 197 6.16 30.28 -29.21
N HIS B 198 6.67 30.84 -28.11
CA HIS B 198 6.75 30.09 -26.87
C HIS B 198 6.87 31.07 -25.71
N GLN B 199 6.26 30.70 -24.58
CA GLN B 199 6.20 31.58 -23.40
C GLN B 199 7.57 32.15 -23.03
N GLY B 200 8.63 31.37 -23.20
CA GLY B 200 9.96 31.83 -22.88
C GLY B 200 10.57 32.79 -23.86
N LEU B 201 9.83 33.20 -24.89
CA LEU B 201 10.30 34.15 -25.88
C LEU B 201 9.46 35.41 -25.80
N SER B 202 10.13 36.57 -25.79
CA SER B 202 9.42 37.84 -25.71
C SER B 202 8.58 38.06 -26.96
N SER B 203 9.16 37.81 -28.12
CA SER B 203 8.46 37.81 -29.41
C SER B 203 8.97 36.63 -30.20
N PRO B 204 8.20 36.12 -31.16
CA PRO B 204 8.59 34.88 -31.85
C PRO B 204 9.96 34.98 -32.49
N VAL B 205 10.58 33.81 -32.67
CA VAL B 205 11.95 33.69 -33.14
C VAL B 205 11.94 32.96 -34.47
N THR B 206 12.57 33.56 -35.48
CA THR B 206 12.62 32.99 -36.82
C THR B 206 14.04 32.55 -37.13
N LYS B 207 14.18 31.33 -37.65
CA LYS B 207 15.40 30.87 -38.28
C LYS B 207 15.08 30.51 -39.73
N SER B 208 16.00 30.83 -40.63
CA SER B 208 15.69 30.73 -42.05
C SER B 208 16.98 30.47 -42.83
N PHE B 209 16.80 30.03 -44.08
CA PHE B 209 17.92 29.87 -44.98
C PHE B 209 17.46 30.15 -46.40
N ASN B 210 18.40 30.58 -47.24
CA ASN B 210 18.14 30.81 -48.65
C ASN B 210 18.60 29.59 -49.44
N ARG B 211 17.69 29.02 -50.23
CA ARG B 211 17.93 27.74 -50.87
C ARG B 211 18.86 27.86 -52.07
N GLY B 212 18.85 29.01 -52.76
CA GLY B 212 19.83 29.27 -53.79
C GLY B 212 21.24 29.43 -53.26
N GLU B 213 21.38 29.71 -51.97
CA GLU B 213 22.67 29.73 -51.29
C GLU B 213 23.03 28.31 -50.83
N ASN C 16 -45.29 -37.09 7.51
CA ASN C 16 -43.99 -36.49 7.77
C ASN C 16 -43.67 -35.41 6.75
N LEU C 17 -43.61 -34.16 7.20
CA LEU C 17 -43.14 -33.08 6.34
C LEU C 17 -41.63 -33.19 6.18
N CYS C 18 -41.17 -33.17 4.94
CA CYS C 18 -39.74 -33.16 4.68
C CYS C 18 -39.15 -31.86 5.25
N PRO C 19 -38.04 -31.93 5.98
CA PRO C 19 -37.56 -30.75 6.70
C PRO C 19 -36.98 -29.66 5.79
N PHE C 20 -37.78 -29.13 4.88
CA PHE C 20 -37.32 -28.04 4.04
C PHE C 20 -37.28 -26.71 4.79
N GLY C 21 -38.02 -26.58 5.89
CA GLY C 21 -37.94 -25.38 6.70
C GLY C 21 -36.57 -25.24 7.35
N GLU C 22 -35.99 -26.36 7.77
CA GLU C 22 -34.65 -26.34 8.37
C GLU C 22 -33.59 -25.87 7.38
N VAL C 23 -33.83 -26.02 6.09
CA VAL C 23 -32.84 -25.67 5.07
C VAL C 23 -32.98 -24.22 4.63
N PHE C 24 -34.19 -23.81 4.24
CA PHE C 24 -34.42 -22.45 3.76
C PHE C 24 -34.43 -21.46 4.91
N ASN C 25 -35.13 -21.78 5.99
CA ASN C 25 -35.16 -20.92 7.17
C ASN C 25 -34.10 -21.33 8.17
N ALA C 26 -32.90 -21.57 7.67
CA ALA C 26 -31.75 -21.85 8.53
C ALA C 26 -31.16 -20.55 9.04
N THR C 27 -30.51 -20.62 10.19
CA THR C 27 -30.06 -19.40 10.84
C THR C 27 -28.78 -18.91 10.19
N ARG C 28 -27.75 -19.75 10.17
CA ARG C 28 -26.52 -19.51 9.43
C ARG C 28 -26.56 -20.31 8.12
N PHE C 29 -25.98 -19.75 7.06
CA PHE C 29 -25.60 -20.60 5.93
C PHE C 29 -24.11 -20.84 5.85
N ALA C 30 -23.76 -21.88 5.10
CA ALA C 30 -22.39 -22.29 4.89
C ALA C 30 -21.69 -21.44 3.84
N SER C 31 -20.36 -21.36 3.96
CA SER C 31 -19.54 -20.83 2.90
C SER C 31 -19.56 -21.79 1.71
N VAL C 32 -19.35 -21.25 0.52
CA VAL C 32 -19.58 -22.02 -0.70
C VAL C 32 -18.56 -23.14 -0.83
N TYR C 33 -17.30 -22.90 -0.45
CA TYR C 33 -16.31 -23.96 -0.49
C TYR C 33 -16.65 -25.09 0.48
N ALA C 34 -17.46 -24.79 1.51
CA ALA C 34 -17.85 -25.79 2.50
C ALA C 34 -19.35 -25.97 2.52
N TRP C 35 -19.98 -26.10 1.35
CA TRP C 35 -21.43 -26.09 1.28
C TRP C 35 -22.03 -27.26 2.05
N ASN C 36 -23.16 -27.00 2.70
CA ASN C 36 -23.88 -28.05 3.40
C ASN C 36 -24.66 -28.90 2.40
N ARG C 37 -24.91 -30.14 2.80
CA ARG C 37 -25.86 -30.99 2.10
C ARG C 37 -26.75 -31.65 3.14
N LYS C 38 -28.05 -31.64 2.88
CA LYS C 38 -29.00 -32.40 3.70
C LYS C 38 -29.66 -33.44 2.82
N ARG C 39 -29.46 -34.71 3.18
CA ARG C 39 -30.22 -35.79 2.57
C ARG C 39 -31.65 -35.76 3.08
N ILE C 40 -32.61 -35.96 2.17
CA ILE C 40 -34.03 -35.94 2.51
C ILE C 40 -34.62 -37.29 2.14
N SER C 41 -35.06 -38.04 3.16
CA SER C 41 -35.53 -39.41 2.98
C SER C 41 -36.79 -39.64 3.79
N ASN C 42 -37.74 -40.35 3.20
CA ASN C 42 -38.90 -40.92 3.90
C ASN C 42 -39.80 -39.83 4.48
N CYS C 43 -40.42 -39.07 3.58
CA CYS C 43 -41.34 -38.01 3.99
C CYS C 43 -42.13 -37.53 2.77
N VAL C 44 -42.95 -36.50 2.99
CA VAL C 44 -43.70 -35.83 1.94
C VAL C 44 -43.33 -34.36 1.98
N ALA C 45 -43.04 -33.78 0.82
CA ALA C 45 -42.59 -32.41 0.72
C ALA C 45 -43.58 -31.60 -0.11
N ASP C 46 -43.83 -30.36 0.33
CA ASP C 46 -44.82 -29.48 -0.29
C ASP C 46 -44.09 -28.40 -1.10
N TYR C 47 -43.97 -28.62 -2.40
CA TYR C 47 -43.20 -27.75 -3.28
C TYR C 47 -43.99 -26.52 -3.73
N SER C 48 -45.29 -26.47 -3.43
CA SER C 48 -46.06 -25.28 -3.75
C SER C 48 -45.57 -24.07 -2.95
N VAL C 49 -45.19 -24.29 -1.69
CA VAL C 49 -44.80 -23.20 -0.80
C VAL C 49 -43.56 -22.49 -1.31
N LEU C 50 -42.84 -23.10 -2.25
CA LEU C 50 -41.61 -22.54 -2.77
C LEU C 50 -41.84 -21.67 -4.00
N TYR C 51 -42.55 -22.20 -5.00
CA TYR C 51 -42.79 -21.40 -6.21
C TYR C 51 -43.69 -20.22 -5.94
N ASN C 52 -44.48 -20.26 -4.87
CA ASN C 52 -45.26 -19.10 -4.45
C ASN C 52 -44.56 -18.41 -3.29
N SER C 53 -43.40 -17.84 -3.62
CA SER C 53 -42.63 -17.03 -2.69
C SER C 53 -42.07 -15.84 -3.46
N ALA C 54 -42.46 -14.64 -3.05
CA ALA C 54 -42.00 -13.43 -3.72
C ALA C 54 -40.51 -13.18 -3.54
N SER C 55 -39.81 -14.02 -2.80
CA SER C 55 -38.44 -13.76 -2.42
C SER C 55 -37.40 -14.39 -3.35
N PHE C 56 -37.77 -15.41 -4.12
CA PHE C 56 -36.79 -16.22 -4.85
C PHE C 56 -36.54 -15.60 -6.22
N SER C 57 -35.59 -14.68 -6.28
CA SER C 57 -35.25 -14.01 -7.54
C SER C 57 -34.80 -15.01 -8.60
N THR C 58 -34.21 -16.13 -8.20
CA THR C 58 -33.83 -17.19 -9.13
C THR C 58 -34.57 -18.46 -8.76
N PHE C 59 -35.22 -19.07 -9.76
CA PHE C 59 -35.94 -20.33 -9.56
C PHE C 59 -35.92 -21.08 -10.90
N LYS C 60 -34.78 -21.68 -11.20
CA LYS C 60 -34.59 -22.39 -12.46
C LYS C 60 -34.50 -23.87 -12.14
N CYS C 61 -35.15 -24.70 -12.96
CA CYS C 61 -35.29 -26.12 -12.73
C CYS C 61 -34.84 -26.89 -13.97
N TYR C 62 -34.14 -28.00 -13.76
CA TYR C 62 -33.55 -28.78 -14.83
C TYR C 62 -34.02 -30.22 -14.70
N GLY C 63 -34.63 -30.75 -15.76
CA GLY C 63 -35.11 -32.12 -15.75
C GLY C 63 -36.50 -32.31 -15.16
N VAL C 64 -37.07 -31.27 -14.54
CA VAL C 64 -38.41 -31.33 -13.97
C VAL C 64 -39.06 -29.95 -14.14
N SER C 65 -40.38 -29.91 -14.01
CA SER C 65 -41.11 -28.65 -14.10
C SER C 65 -41.52 -28.17 -12.71
N PRO C 66 -41.35 -26.87 -12.44
CA PRO C 66 -41.49 -26.38 -11.05
C PRO C 66 -42.88 -26.60 -10.46
N THR C 67 -43.93 -26.27 -11.20
CA THR C 67 -45.29 -26.48 -10.69
C THR C 67 -45.54 -27.95 -10.39
N LYS C 68 -45.23 -28.82 -11.35
CA LYS C 68 -45.53 -30.25 -11.30
C LYS C 68 -44.70 -31.01 -10.28
N LEU C 69 -43.91 -30.32 -9.45
CA LEU C 69 -43.03 -30.97 -8.49
C LEU C 69 -43.77 -31.59 -7.30
N ASN C 70 -45.05 -31.27 -7.10
CA ASN C 70 -45.90 -31.95 -6.12
C ASN C 70 -46.55 -33.22 -6.64
N ASP C 71 -46.24 -33.66 -7.86
CA ASP C 71 -46.89 -34.84 -8.40
C ASP C 71 -45.89 -35.94 -8.72
N LEU C 72 -44.63 -35.75 -8.34
CA LEU C 72 -43.54 -36.66 -8.66
C LEU C 72 -43.01 -37.32 -7.40
N CYS C 73 -42.43 -38.51 -7.56
CA CYS C 73 -41.75 -39.21 -6.48
C CYS C 73 -40.33 -39.57 -6.89
N PHE C 74 -39.41 -39.48 -5.93
CA PHE C 74 -38.03 -39.84 -6.11
C PHE C 74 -37.59 -40.70 -4.94
N THR C 75 -36.49 -41.45 -5.13
CA THR C 75 -35.93 -42.25 -4.05
C THR C 75 -35.04 -41.45 -3.10
N ASN C 76 -34.52 -40.29 -3.50
CA ASN C 76 -33.83 -39.40 -2.58
C ASN C 76 -33.92 -37.98 -3.10
N VAL C 77 -33.82 -37.03 -2.18
CA VAL C 77 -33.73 -35.61 -2.51
C VAL C 77 -32.59 -35.00 -1.69
N TYR C 78 -31.71 -34.27 -2.35
CA TYR C 78 -30.58 -33.62 -1.70
C TYR C 78 -30.78 -32.11 -1.72
N ALA C 79 -30.35 -31.46 -0.63
CA ALA C 79 -30.55 -30.02 -0.46
C ALA C 79 -29.22 -29.38 -0.07
N ASP C 80 -28.62 -28.66 -1.00
CA ASP C 80 -27.35 -27.96 -0.77
C ASP C 80 -27.61 -26.48 -0.55
N SER C 81 -26.92 -25.91 0.44
CA SER C 81 -27.06 -24.48 0.72
C SER C 81 -25.69 -23.85 0.93
N PHE C 82 -25.54 -22.62 0.45
CA PHE C 82 -24.31 -21.84 0.61
C PHE C 82 -24.64 -20.39 0.25
N VAL C 83 -23.65 -19.53 0.40
CA VAL C 83 -23.78 -18.10 0.09
C VAL C 83 -22.72 -17.72 -0.92
N ILE C 84 -23.13 -17.04 -1.99
CA ILE C 84 -22.23 -16.52 -3.01
C ILE C 84 -22.65 -15.09 -3.35
N ARG C 85 -21.96 -14.50 -4.31
CA ARG C 85 -22.35 -13.21 -4.85
C ARG C 85 -23.42 -13.40 -5.92
N GLY C 86 -24.29 -12.39 -6.04
CA GLY C 86 -25.33 -12.45 -7.06
C GLY C 86 -24.78 -12.64 -8.47
N ASP C 87 -23.68 -11.97 -8.78
CA ASP C 87 -22.97 -12.17 -10.04
C ASP C 87 -22.62 -13.63 -10.31
N GLU C 88 -22.71 -14.49 -9.30
CA GLU C 88 -22.21 -15.85 -9.42
C GLU C 88 -23.29 -16.91 -9.40
N VAL C 89 -24.54 -16.54 -9.09
CA VAL C 89 -25.64 -17.48 -9.21
C VAL C 89 -25.76 -17.98 -10.65
N ARG C 90 -25.31 -17.17 -11.61
CA ARG C 90 -25.18 -17.62 -12.99
C ARG C 90 -24.40 -18.93 -13.10
N GLN C 91 -23.48 -19.19 -12.19
CA GLN C 91 -22.63 -20.38 -12.27
C GLN C 91 -23.22 -21.61 -11.61
N ILE C 92 -24.30 -21.48 -10.85
CA ILE C 92 -24.92 -22.64 -10.23
C ILE C 92 -25.91 -23.23 -11.22
N ALA C 93 -25.39 -23.77 -12.33
CA ALA C 93 -26.21 -24.31 -13.42
C ALA C 93 -25.35 -25.31 -14.19
N PRO C 94 -25.96 -26.32 -14.80
CA PRO C 94 -25.16 -27.32 -15.52
C PRO C 94 -24.42 -26.68 -16.70
N GLY C 95 -23.14 -27.05 -16.83
CA GLY C 95 -22.33 -26.59 -17.95
C GLY C 95 -21.72 -25.21 -17.80
N GLN C 96 -21.47 -24.76 -16.58
CA GLN C 96 -20.89 -23.45 -16.35
C GLN C 96 -19.41 -23.57 -15.96
N THR C 97 -18.71 -22.46 -16.09
CA THR C 97 -17.33 -22.34 -15.63
C THR C 97 -17.17 -21.02 -14.89
N GLY C 98 -16.01 -20.85 -14.29
CA GLY C 98 -15.74 -19.74 -13.39
C GLY C 98 -15.34 -20.24 -12.01
N LYS C 99 -14.98 -19.27 -11.17
CA LYS C 99 -14.32 -19.60 -9.92
C LYS C 99 -15.24 -20.35 -8.96
N ILE C 100 -16.55 -20.14 -9.05
CA ILE C 100 -17.48 -20.90 -8.22
C ILE C 100 -17.70 -22.29 -8.80
N ALA C 101 -18.01 -22.37 -10.10
CA ALA C 101 -18.27 -23.65 -10.73
C ALA C 101 -17.04 -24.55 -10.70
N ASP C 102 -15.86 -23.97 -10.86
CA ASP C 102 -14.66 -24.78 -11.06
C ASP C 102 -13.98 -25.16 -9.75
N TYR C 103 -14.01 -24.30 -8.73
CA TYR C 103 -13.24 -24.54 -7.52
C TYR C 103 -14.07 -24.54 -6.24
N ASN C 104 -15.39 -24.39 -6.34
CA ASN C 104 -16.21 -24.33 -5.12
C ASN C 104 -17.45 -25.19 -5.22
N TYR C 105 -18.29 -24.99 -6.25
CA TYR C 105 -19.52 -25.76 -6.38
C TYR C 105 -19.80 -26.06 -7.84
N LYS C 106 -19.72 -27.35 -8.20
CA LYS C 106 -19.89 -27.81 -9.57
C LYS C 106 -21.13 -28.70 -9.67
N LEU C 107 -22.07 -28.34 -10.62
CA LEU C 107 -23.22 -29.16 -10.97
C LEU C 107 -22.89 -30.07 -12.15
N PRO C 108 -23.52 -31.23 -12.24
CA PRO C 108 -23.28 -32.12 -13.39
C PRO C 108 -24.06 -31.67 -14.62
N ASP C 109 -23.50 -32.00 -15.79
CA ASP C 109 -24.17 -31.71 -17.06
C ASP C 109 -25.58 -32.29 -17.08
N ASP C 110 -25.74 -33.49 -16.53
CA ASP C 110 -27.01 -34.22 -16.52
C ASP C 110 -27.85 -33.92 -15.28
N PHE C 111 -27.80 -32.68 -14.80
CA PHE C 111 -28.48 -32.32 -13.56
C PHE C 111 -29.99 -32.50 -13.68
N THR C 112 -30.60 -33.05 -12.64
CA THR C 112 -32.04 -33.10 -12.51
C THR C 112 -32.38 -32.50 -11.15
N GLY C 113 -32.85 -31.26 -11.16
CA GLY C 113 -33.19 -30.58 -9.93
C GLY C 113 -33.50 -29.12 -10.16
N CYS C 114 -33.57 -28.38 -9.05
CA CYS C 114 -33.87 -26.96 -9.07
C CYS C 114 -32.83 -26.19 -8.28
N VAL C 115 -32.61 -24.94 -8.69
CA VAL C 115 -31.64 -24.04 -8.07
C VAL C 115 -32.38 -22.74 -7.74
N ILE C 116 -32.43 -22.38 -6.46
CA ILE C 116 -33.10 -21.14 -6.13
C ILE C 116 -32.14 -20.27 -5.33
N ALA C 117 -32.32 -18.95 -5.47
CA ALA C 117 -31.49 -18.00 -4.76
C ALA C 117 -32.35 -16.82 -4.33
N TRP C 118 -31.85 -16.04 -3.37
CA TRP C 118 -32.56 -14.87 -2.90
C TRP C 118 -31.60 -13.93 -2.19
N ASN C 119 -31.73 -12.64 -2.48
CA ASN C 119 -30.85 -11.63 -1.90
C ASN C 119 -30.89 -11.68 -0.38
N SER C 120 -29.73 -11.89 0.22
CA SER C 120 -29.61 -11.98 1.67
C SER C 120 -28.76 -10.86 2.23
N ASN C 121 -28.88 -9.66 1.63
CA ASN C 121 -28.12 -8.51 2.11
C ASN C 121 -28.42 -8.23 3.58
N ASN C 122 -29.69 -8.33 3.97
CA ASN C 122 -30.09 -7.95 5.31
C ASN C 122 -29.53 -8.88 6.38
N LEU C 123 -29.20 -10.12 6.04
CA LEU C 123 -28.70 -11.04 7.04
C LEU C 123 -27.21 -11.33 6.95
N ASP C 124 -26.57 -11.06 5.82
CA ASP C 124 -25.22 -11.58 5.57
C ASP C 124 -24.18 -10.51 5.27
N SER C 125 -24.56 -9.24 5.17
CA SER C 125 -23.61 -8.16 4.99
C SER C 125 -23.72 -7.20 6.16
N LYS C 126 -22.60 -6.59 6.54
CA LYS C 126 -22.62 -5.54 7.56
C LYS C 126 -21.61 -4.46 7.21
N VAL C 127 -21.67 -3.37 7.96
CA VAL C 127 -20.77 -2.25 7.76
C VAL C 127 -19.39 -2.61 8.26
N GLY C 128 -18.36 -2.21 7.51
CA GLY C 128 -17.02 -2.72 7.70
C GLY C 128 -16.74 -4.00 6.94
N GLY C 129 -17.79 -4.71 6.51
CA GLY C 129 -17.64 -5.95 5.78
C GLY C 129 -17.80 -7.18 6.65
N ASN C 130 -18.64 -8.11 6.21
CA ASN C 130 -18.72 -9.43 6.83
C ASN C 130 -17.72 -10.34 6.14
N TYR C 131 -16.74 -10.82 6.90
CA TYR C 131 -15.67 -11.62 6.34
C TYR C 131 -15.83 -13.11 6.62
N ASN C 132 -16.95 -13.52 7.22
CA ASN C 132 -17.13 -14.92 7.57
C ASN C 132 -17.24 -15.80 6.33
N TYR C 133 -17.87 -15.30 5.28
CA TYR C 133 -18.09 -16.10 4.08
C TYR C 133 -16.84 -16.12 3.22
N LEU C 134 -16.53 -17.29 2.70
CA LEU C 134 -15.25 -17.54 2.02
C LEU C 134 -15.54 -18.30 0.72
N TYR C 135 -14.61 -18.19 -0.22
CA TYR C 135 -14.65 -19.02 -1.42
C TYR C 135 -13.23 -19.48 -1.73
N ARG C 136 -13.12 -20.58 -2.46
CA ARG C 136 -11.80 -21.03 -2.86
C ARG C 136 -11.35 -20.24 -4.08
N LEU C 137 -10.15 -19.67 -4.00
CA LEU C 137 -9.55 -18.93 -5.09
C LEU C 137 -8.56 -19.75 -5.89
N PHE C 138 -7.77 -20.61 -5.24
CA PHE C 138 -6.69 -21.34 -5.87
C PHE C 138 -6.94 -22.83 -5.78
N ARG C 139 -7.05 -23.48 -6.94
CA ARG C 139 -7.01 -24.93 -6.99
C ARG C 139 -6.36 -25.32 -8.31
N LYS C 140 -5.49 -26.35 -8.25
CA LYS C 140 -4.71 -26.70 -9.42
C LYS C 140 -5.53 -27.43 -10.48
N SER C 141 -6.73 -27.92 -10.15
CA SER C 141 -7.54 -28.65 -11.10
C SER C 141 -9.01 -28.44 -10.81
N ASN C 142 -9.83 -28.49 -11.86
CA ASN C 142 -11.26 -28.30 -11.72
C ASN C 142 -11.85 -29.40 -10.85
N LEU C 143 -12.97 -29.06 -10.23
CA LEU C 143 -13.64 -29.88 -9.24
C LEU C 143 -14.60 -30.84 -9.94
N LYS C 144 -14.62 -32.09 -9.50
CA LYS C 144 -15.61 -33.02 -10.01
C LYS C 144 -16.99 -32.61 -9.49
N PRO C 145 -18.05 -32.89 -10.24
CA PRO C 145 -19.38 -32.45 -9.79
C PRO C 145 -19.76 -33.10 -8.48
N PHE C 146 -20.28 -32.28 -7.56
CA PHE C 146 -20.67 -32.69 -6.21
C PHE C 146 -19.48 -33.15 -5.37
N GLU C 147 -18.25 -32.82 -5.80
CA GLU C 147 -17.00 -33.32 -5.21
C GLU C 147 -16.25 -32.17 -4.58
N ARG C 148 -16.38 -31.98 -3.28
CA ARG C 148 -15.90 -30.71 -2.73
C ARG C 148 -14.99 -30.85 -1.52
N ASP C 149 -13.88 -30.12 -1.59
CA ASP C 149 -12.75 -30.25 -0.68
C ASP C 149 -12.76 -29.15 0.37
N ILE C 150 -12.28 -29.50 1.55
CA ILE C 150 -12.42 -28.60 2.68
C ILE C 150 -11.04 -28.08 3.10
N SER C 151 -10.07 -28.23 2.20
CA SER C 151 -8.64 -28.20 2.50
C SER C 151 -8.13 -26.77 2.63
N THR C 152 -7.01 -26.65 3.37
CA THR C 152 -6.44 -25.37 3.75
C THR C 152 -4.94 -25.27 3.44
N GLU C 153 -4.30 -26.36 3.02
CA GLU C 153 -2.91 -26.32 2.57
C GLU C 153 -2.67 -25.10 1.69
N ILE C 154 -1.54 -24.42 1.90
CA ILE C 154 -1.36 -23.18 1.14
C ILE C 154 -0.95 -23.57 -0.27
N TYR C 155 -1.23 -22.69 -1.21
CA TYR C 155 -1.13 -23.00 -2.63
C TYR C 155 0.23 -22.56 -3.17
N GLN C 156 0.97 -23.50 -3.77
CA GLN C 156 2.28 -23.23 -4.33
C GLN C 156 2.12 -22.70 -5.75
N ALA C 157 2.47 -21.43 -5.96
CA ALA C 157 2.42 -20.81 -7.28
C ALA C 157 3.80 -20.63 -7.91
N GLY C 158 4.86 -21.02 -7.21
CA GLY C 158 6.20 -21.00 -7.75
C GLY C 158 6.81 -22.40 -7.74
N SER C 159 8.07 -22.46 -8.17
CA SER C 159 8.80 -23.72 -8.14
C SER C 159 9.37 -24.01 -6.77
N THR C 160 9.45 -23.01 -5.90
CA THR C 160 9.91 -23.23 -4.54
C THR C 160 8.80 -23.86 -3.71
N PRO C 161 9.05 -24.96 -3.00
CA PRO C 161 8.05 -25.47 -2.06
C PRO C 161 7.79 -24.45 -0.98
N CYS C 162 6.57 -24.47 -0.45
CA CYS C 162 6.17 -23.47 0.52
C CYS C 162 6.45 -23.88 1.95
N ASN C 163 6.57 -25.18 2.22
CA ASN C 163 6.92 -25.69 3.56
C ASN C 163 5.96 -25.18 4.62
N GLY C 164 4.68 -25.12 4.28
CA GLY C 164 3.65 -24.74 5.23
C GLY C 164 3.76 -23.34 5.79
N VAL C 165 4.17 -22.38 4.98
CA VAL C 165 4.33 -20.99 5.43
C VAL C 165 3.75 -20.06 4.38
N GLU C 166 2.69 -19.34 4.73
CA GLU C 166 2.11 -18.35 3.83
C GLU C 166 3.13 -17.26 3.48
N GLY C 167 3.20 -16.91 2.20
CA GLY C 167 4.14 -15.90 1.77
C GLY C 167 4.05 -15.65 0.27
N PHE C 168 5.14 -15.18 -0.30
CA PHE C 168 5.17 -14.89 -1.73
C PHE C 168 5.07 -16.19 -2.53
N ASN C 169 4.19 -16.20 -3.52
CA ASN C 169 3.94 -17.37 -4.36
C ASN C 169 3.46 -18.56 -3.55
N CYS C 170 2.92 -18.31 -2.36
CA CYS C 170 2.60 -19.30 -1.35
C CYS C 170 1.35 -18.82 -0.63
N TYR C 171 0.21 -18.93 -1.30
CA TYR C 171 -0.99 -18.23 -0.90
C TYR C 171 -1.99 -19.14 -0.20
N PHE C 172 -2.60 -18.61 0.85
CA PHE C 172 -3.74 -19.27 1.48
C PHE C 172 -4.85 -19.43 0.44
N PRO C 173 -5.40 -20.64 0.27
CA PRO C 173 -6.27 -20.91 -0.89
C PRO C 173 -7.64 -20.26 -0.78
N LEU C 174 -8.06 -19.82 0.39
CA LEU C 174 -9.38 -19.25 0.59
C LEU C 174 -9.30 -17.73 0.57
N GLN C 175 -10.41 -17.09 0.21
CA GLN C 175 -10.50 -15.65 0.21
C GLN C 175 -11.89 -15.23 0.65
N SER C 176 -11.95 -14.16 1.43
CA SER C 176 -13.20 -13.68 1.99
C SER C 176 -13.94 -12.81 0.98
N TYR C 177 -15.27 -12.94 0.97
CA TYR C 177 -16.10 -12.06 0.14
C TYR C 177 -16.10 -10.64 0.68
N GLY C 178 -15.99 -10.47 1.99
CA GLY C 178 -16.05 -9.16 2.60
C GLY C 178 -17.32 -8.41 2.26
N PHE C 179 -18.46 -9.09 2.45
CA PHE C 179 -19.75 -8.53 2.05
C PHE C 179 -20.00 -7.20 2.76
N GLN C 180 -20.06 -6.14 1.96
CA GLN C 180 -20.23 -4.72 2.23
C GLN C 180 -21.66 -4.30 1.92
N PRO C 181 -22.29 -3.49 2.77
CA PRO C 181 -23.74 -3.25 2.60
C PRO C 181 -24.09 -2.32 1.45
N THR C 182 -23.16 -1.48 1.00
CA THR C 182 -23.49 -0.38 0.10
C THR C 182 -23.54 -0.78 -1.37
N ASN C 183 -22.90 -1.90 -1.73
CA ASN C 183 -22.52 -2.18 -3.10
C ASN C 183 -23.72 -2.30 -4.03
N GLY C 184 -23.42 -2.36 -5.33
CA GLY C 184 -24.42 -2.71 -6.32
C GLY C 184 -24.94 -4.12 -6.10
N VAL C 185 -26.06 -4.41 -6.77
CA VAL C 185 -26.82 -5.63 -6.48
C VAL C 185 -25.98 -6.87 -6.75
N GLY C 186 -25.19 -6.85 -7.83
CA GLY C 186 -24.41 -8.02 -8.20
C GLY C 186 -23.36 -8.42 -7.18
N TYR C 187 -23.02 -7.52 -6.26
CA TYR C 187 -22.01 -7.78 -5.23
C TYR C 187 -22.59 -8.18 -3.89
N GLN C 188 -23.91 -8.18 -3.75
CA GLN C 188 -24.55 -8.51 -2.49
C GLN C 188 -24.57 -10.03 -2.27
N PRO C 189 -24.63 -10.47 -1.01
CA PRO C 189 -24.72 -11.92 -0.76
C PRO C 189 -26.07 -12.46 -1.19
N TYR C 190 -26.04 -13.66 -1.76
CA TYR C 190 -27.25 -14.38 -2.13
C TYR C 190 -27.18 -15.77 -1.53
N ARG C 191 -28.18 -16.12 -0.73
CA ARG C 191 -28.30 -17.49 -0.26
C ARG C 191 -28.88 -18.36 -1.37
N VAL C 192 -28.28 -19.53 -1.56
CA VAL C 192 -28.64 -20.42 -2.66
C VAL C 192 -28.95 -21.80 -2.08
N VAL C 193 -30.03 -22.40 -2.57
CA VAL C 193 -30.39 -23.77 -2.22
C VAL C 193 -30.54 -24.56 -3.50
N VAL C 194 -29.87 -25.71 -3.58
CA VAL C 194 -29.93 -26.58 -4.74
C VAL C 194 -30.61 -27.87 -4.32
N LEU C 195 -31.70 -28.21 -5.02
CA LEU C 195 -32.42 -29.46 -4.79
C LEU C 195 -32.07 -30.45 -5.90
N SER C 196 -31.55 -31.61 -5.52
CA SER C 196 -31.26 -32.68 -6.45
C SER C 196 -32.31 -33.78 -6.32
N PHE C 197 -32.72 -34.35 -7.45
CA PHE C 197 -33.71 -35.42 -7.49
C PHE C 197 -33.09 -36.62 -8.18
N GLU C 198 -33.08 -37.77 -7.50
CA GLU C 198 -32.47 -38.98 -8.04
C GLU C 198 -33.37 -40.21 -7.90
N GLU D 1 -7.24 -1.88 7.06
CA GLU D 1 -8.66 -2.06 7.35
C GLU D 1 -8.81 -2.93 8.58
N VAL D 2 -7.84 -3.81 8.79
CA VAL D 2 -7.81 -4.62 9.99
C VAL D 2 -7.70 -3.72 11.22
N GLN D 3 -8.57 -3.96 12.20
CA GLN D 3 -8.42 -3.32 13.50
C GLN D 3 -9.00 -4.24 14.57
N LEU D 4 -8.43 -4.12 15.77
CA LEU D 4 -8.71 -5.03 16.87
C LEU D 4 -9.03 -4.20 18.10
N LEU D 5 -10.28 -4.24 18.56
CA LEU D 5 -10.74 -3.38 19.65
C LEU D 5 -10.83 -4.19 20.93
N GLU D 6 -9.94 -3.89 21.88
CA GLU D 6 -10.04 -4.45 23.22
C GLU D 6 -11.03 -3.68 24.07
N SER D 7 -11.81 -4.41 24.86
CA SER D 7 -12.70 -3.80 25.83
C SER D 7 -12.61 -4.61 27.13
N GLY D 8 -13.41 -4.22 28.11
CA GLY D 8 -13.25 -4.76 29.44
C GLY D 8 -11.97 -4.23 30.06
N GLY D 9 -11.71 -4.68 31.28
CA GLY D 9 -10.48 -4.26 31.93
C GLY D 9 -10.60 -2.93 32.63
N GLY D 10 -10.74 -2.99 33.95
CA GLY D 10 -10.68 -1.82 34.80
C GLY D 10 -10.00 -2.24 36.08
N VAL D 11 -10.48 -1.75 37.22
CA VAL D 11 -9.96 -2.21 38.50
C VAL D 11 -10.69 -3.49 38.90
N VAL D 12 -9.92 -4.49 39.29
CA VAL D 12 -10.44 -5.76 39.78
C VAL D 12 -9.82 -6.02 41.14
N GLN D 13 -10.67 -6.23 42.14
CA GLN D 13 -10.18 -6.58 43.46
C GLN D 13 -9.38 -7.88 43.40
N PRO D 14 -8.28 -7.99 44.14
CA PRO D 14 -7.48 -9.22 44.10
C PRO D 14 -8.33 -10.46 44.37
N GLY D 15 -7.90 -11.59 43.79
CA GLY D 15 -8.64 -12.82 43.88
C GLY D 15 -9.91 -12.88 43.07
N GLY D 16 -10.32 -11.78 42.44
CA GLY D 16 -11.54 -11.75 41.65
C GLY D 16 -11.29 -12.04 40.19
N SER D 17 -12.32 -11.78 39.38
CA SER D 17 -12.34 -12.22 38.00
C SER D 17 -12.70 -11.07 37.06
N LEU D 18 -12.41 -11.28 35.78
CA LEU D 18 -12.56 -10.25 34.75
C LEU D 18 -12.59 -10.93 33.39
N ARG D 19 -13.36 -10.37 32.46
CA ARG D 19 -13.47 -10.88 31.10
C ARG D 19 -13.08 -9.81 30.10
N LEU D 20 -12.05 -10.09 29.31
CA LEU D 20 -11.57 -9.18 28.28
C LEU D 20 -12.13 -9.58 26.93
N SER D 21 -12.50 -8.59 26.14
CA SER D 21 -13.02 -8.78 24.79
C SER D 21 -12.09 -8.12 23.79
N CYS D 22 -12.02 -8.71 22.60
CA CYS D 22 -11.30 -8.14 21.46
C CYS D 22 -12.19 -8.25 20.24
N ALA D 23 -12.62 -7.12 19.70
CA ALA D 23 -13.53 -7.07 18.57
C ALA D 23 -12.72 -6.89 17.29
N ALA D 24 -12.73 -7.90 16.42
CA ALA D 24 -12.00 -7.86 15.16
C ALA D 24 -12.90 -7.36 14.04
N SER D 25 -12.28 -6.66 13.08
CA SER D 25 -13.06 -5.82 12.17
C SER D 25 -12.88 -6.13 10.69
N GLY D 26 -11.73 -5.78 10.12
CA GLY D 26 -11.65 -5.72 8.67
C GLY D 26 -10.84 -6.79 7.97
N PHE D 27 -11.01 -8.05 8.36
CA PHE D 27 -10.26 -9.14 7.76
C PHE D 27 -10.99 -10.45 8.06
N ALA D 28 -10.48 -11.53 7.45
CA ALA D 28 -11.07 -12.86 7.63
C ALA D 28 -10.64 -13.43 8.98
N PHE D 29 -11.19 -12.83 10.04
CA PHE D 29 -10.90 -13.25 11.41
C PHE D 29 -11.07 -14.75 11.60
N THR D 30 -12.11 -15.32 10.97
CA THR D 30 -12.41 -16.74 11.11
C THR D 30 -11.26 -17.64 10.65
N THR D 31 -10.33 -17.14 9.86
CA THR D 31 -9.25 -17.97 9.31
C THR D 31 -7.95 -17.88 10.08
N TYR D 32 -7.80 -16.91 10.98
CA TYR D 32 -6.52 -16.63 11.64
C TYR D 32 -6.55 -17.09 13.09
N ALA D 33 -5.40 -17.56 13.56
CA ALA D 33 -5.21 -17.76 15.00
C ALA D 33 -5.09 -16.41 15.70
N MET D 34 -5.38 -16.41 17.00
CA MET D 34 -5.32 -15.19 17.78
C MET D 34 -4.45 -15.41 19.02
N ASN D 35 -3.99 -14.29 19.57
CA ASN D 35 -3.01 -14.27 20.65
C ASN D 35 -3.42 -13.22 21.65
N TRP D 36 -3.16 -13.48 22.93
CA TRP D 36 -3.16 -12.43 23.95
C TRP D 36 -1.73 -12.28 24.45
N VAL D 37 -1.25 -11.04 24.46
CA VAL D 37 0.07 -10.72 24.99
C VAL D 37 -0.10 -9.60 26.01
N ARG D 38 0.79 -9.58 27.00
CA ARG D 38 0.63 -8.78 28.20
C ARG D 38 1.87 -7.96 28.45
N GLN D 39 1.71 -6.74 28.97
CA GLN D 39 2.85 -5.91 29.36
C GLN D 39 2.58 -5.26 30.70
N ALA D 40 3.35 -5.63 31.71
CA ALA D 40 3.24 -5.03 33.02
C ALA D 40 3.87 -3.64 33.02
N PRO D 41 3.28 -2.67 33.72
CA PRO D 41 3.82 -1.30 33.72
C PRO D 41 5.30 -1.23 34.05
N GLY D 42 6.08 -0.73 33.09
CA GLY D 42 7.51 -0.55 33.26
C GLY D 42 8.36 -1.72 32.84
N ARG D 43 7.83 -2.67 32.07
CA ARG D 43 8.50 -3.95 31.86
C ARG D 43 8.25 -4.41 30.42
N GLY D 44 8.68 -5.64 30.11
CA GLY D 44 8.60 -6.17 28.76
C GLY D 44 7.32 -6.96 28.46
N LEU D 45 7.26 -7.49 27.24
CA LEU D 45 6.11 -8.25 26.77
C LEU D 45 6.17 -9.67 27.31
N GLU D 46 5.03 -10.21 27.71
CA GLU D 46 5.00 -11.60 28.13
C GLU D 46 3.88 -12.20 27.31
N TRP D 47 4.12 -13.31 26.66
CA TRP D 47 3.01 -14.00 26.00
C TRP D 47 2.15 -14.68 27.06
N VAL D 48 0.82 -14.70 26.86
CA VAL D 48 -0.08 -15.34 27.81
C VAL D 48 -0.88 -16.48 27.20
N SER D 49 -1.36 -16.33 25.96
CA SER D 49 -2.28 -17.33 25.44
C SER D 49 -2.43 -17.19 23.93
N ALA D 50 -2.86 -18.28 23.31
CA ALA D 50 -3.07 -18.36 21.86
C ALA D 50 -4.18 -19.36 21.58
N ILE D 51 -4.95 -19.11 20.52
CA ILE D 51 -6.03 -20.00 20.13
C ILE D 51 -6.08 -20.09 18.61
N SER D 52 -6.26 -21.31 18.10
CA SER D 52 -6.36 -21.54 16.67
C SER D 52 -7.71 -21.03 16.16
N ASP D 53 -7.82 -20.94 14.83
CA ASP D 53 -9.09 -20.57 14.22
C ASP D 53 -10.18 -21.56 14.61
N GLY D 54 -11.38 -21.04 14.86
CA GLY D 54 -12.48 -21.89 15.25
C GLY D 54 -12.26 -22.65 16.54
N GLY D 55 -11.48 -22.09 17.47
CA GLY D 55 -11.26 -22.75 18.74
C GLY D 55 -10.49 -24.06 18.58
N GLY D 56 -10.79 -25.00 19.46
CA GLY D 56 -10.24 -26.34 19.34
C GLY D 56 -8.87 -26.50 19.96
N SER D 57 -7.91 -25.68 19.53
CA SER D 57 -6.57 -25.67 20.10
C SER D 57 -6.35 -24.36 20.84
N ALA D 58 -5.94 -24.46 22.10
CA ALA D 58 -5.58 -23.31 22.91
C ALA D 58 -4.26 -23.59 23.61
N TYR D 59 -3.54 -22.51 23.91
CA TYR D 59 -2.25 -22.62 24.57
C TYR D 59 -2.14 -21.49 25.59
N TYR D 60 -1.47 -21.77 26.70
CA TYR D 60 -1.39 -20.82 27.80
C TYR D 60 0.03 -20.71 28.30
N ALA D 61 0.37 -19.52 28.77
CA ALA D 61 1.64 -19.36 29.48
C ALA D 61 1.57 -20.06 30.83
N ASP D 62 2.74 -20.42 31.35
CA ASP D 62 2.82 -21.11 32.63
C ASP D 62 2.10 -20.33 33.73
N SER D 63 2.32 -19.02 33.78
CA SER D 63 1.85 -18.18 34.89
C SER D 63 0.34 -17.98 34.90
N VAL D 64 -0.42 -18.58 33.99
CA VAL D 64 -1.85 -18.29 33.91
C VAL D 64 -2.67 -19.56 33.76
N LYS D 65 -2.01 -20.71 33.64
CA LYS D 65 -2.72 -21.97 33.46
C LYS D 65 -3.62 -22.26 34.65
N GLY D 66 -4.82 -22.75 34.36
CA GLY D 66 -5.83 -22.99 35.37
C GLY D 66 -6.66 -21.77 35.73
N ARG D 67 -6.09 -20.57 35.59
CA ARG D 67 -6.80 -19.34 35.96
C ARG D 67 -7.37 -18.59 34.76
N PHE D 68 -6.83 -18.79 33.57
CA PHE D 68 -7.20 -18.00 32.40
C PHE D 68 -7.79 -18.88 31.32
N THR D 69 -8.74 -18.31 30.57
CA THR D 69 -9.41 -19.05 29.50
C THR D 69 -9.43 -18.16 28.26
N ILE D 70 -8.78 -18.59 27.20
CA ILE D 70 -8.92 -17.94 25.91
C ILE D 70 -10.08 -18.62 25.18
N SER D 71 -10.89 -17.82 24.50
CA SER D 71 -12.02 -18.38 23.78
C SER D 71 -12.39 -17.44 22.65
N ARG D 72 -13.16 -17.97 21.71
CA ARG D 72 -13.39 -17.30 20.44
C ARG D 72 -14.84 -17.49 20.02
N ASP D 73 -15.49 -16.40 19.62
CA ASP D 73 -16.84 -16.44 19.07
C ASP D 73 -16.71 -16.06 17.60
N ASN D 74 -16.57 -17.07 16.74
CA ASN D 74 -16.45 -16.80 15.31
C ASN D 74 -17.74 -16.27 14.71
N SER D 75 -18.87 -16.39 15.42
CA SER D 75 -20.12 -15.82 14.95
C SER D 75 -19.98 -14.31 14.76
N LYS D 76 -19.81 -13.55 15.85
CA LYS D 76 -19.60 -12.12 15.72
C LYS D 76 -18.17 -11.74 16.11
N ASN D 77 -17.19 -12.47 15.56
CA ASN D 77 -15.81 -11.99 15.38
C ASN D 77 -15.22 -11.36 16.64
N THR D 78 -15.26 -12.10 17.74
CA THR D 78 -14.80 -11.59 19.01
C THR D 78 -13.88 -12.61 19.68
N LEU D 79 -12.82 -12.12 20.31
CA LEU D 79 -11.91 -12.92 21.10
C LEU D 79 -12.09 -12.58 22.57
N TYR D 80 -11.94 -13.60 23.42
CA TYR D 80 -12.22 -13.45 24.84
C TYR D 80 -11.05 -13.94 25.67
N LEU D 81 -10.82 -13.28 26.80
CA LEU D 81 -9.89 -13.76 27.82
C LEU D 81 -10.65 -13.78 29.15
N GLN D 82 -10.90 -14.98 29.66
CA GLN D 82 -11.53 -15.16 30.96
C GLN D 82 -10.44 -15.22 32.01
N MET D 83 -10.48 -14.29 32.97
CA MET D 83 -9.41 -14.11 33.94
C MET D 83 -9.95 -14.41 35.34
N ASN D 84 -9.61 -15.57 35.88
CA ASN D 84 -10.02 -15.95 37.22
C ASN D 84 -8.85 -15.89 38.19
N SER D 85 -9.18 -15.73 39.48
CA SER D 85 -8.19 -15.72 40.56
C SER D 85 -7.11 -14.67 40.32
N LEU D 86 -7.55 -13.44 40.07
CA LEU D 86 -6.62 -12.40 39.65
C LEU D 86 -5.68 -11.98 40.78
N ARG D 87 -4.53 -11.46 40.37
CA ARG D 87 -3.41 -11.19 41.27
C ARG D 87 -2.70 -9.90 40.87
N ALA D 88 -1.95 -9.35 41.84
CA ALA D 88 -1.08 -8.20 41.60
C ALA D 88 -0.19 -8.40 40.37
N GLU D 89 0.35 -9.60 40.16
CA GLU D 89 1.24 -9.81 39.02
C GLU D 89 0.50 -9.88 37.70
N ASP D 90 -0.83 -9.77 37.72
CA ASP D 90 -1.63 -9.71 36.51
C ASP D 90 -2.00 -8.29 36.11
N THR D 91 -1.71 -7.32 36.97
CA THR D 91 -1.88 -5.92 36.58
C THR D 91 -0.95 -5.63 35.40
N ALA D 92 -1.55 -5.27 34.27
CA ALA D 92 -0.79 -5.07 33.05
C ALA D 92 -1.71 -4.51 31.98
N VAL D 93 -1.10 -4.08 30.88
CA VAL D 93 -1.84 -3.78 29.67
C VAL D 93 -1.95 -5.06 28.87
N TYR D 94 -3.18 -5.41 28.49
CA TYR D 94 -3.45 -6.62 27.72
C TYR D 94 -3.85 -6.23 26.31
N TYR D 95 -3.26 -6.90 25.34
CA TYR D 95 -3.70 -6.79 23.95
C TYR D 95 -3.66 -8.07 23.13
N CYS D 96 -4.73 -8.23 22.36
CA CYS D 96 -4.85 -9.26 21.35
C CYS D 96 -3.97 -8.90 20.15
N ALA D 97 -3.42 -9.94 19.53
CA ALA D 97 -2.57 -9.76 18.37
C ALA D 97 -2.86 -10.88 17.38
N LYS D 98 -2.99 -10.52 16.11
CA LYS D 98 -3.37 -11.48 15.08
C LYS D 98 -2.13 -12.22 14.59
N THR D 99 -2.24 -13.54 14.47
CA THR D 99 -1.14 -14.34 13.95
C THR D 99 -0.94 -14.03 12.47
N ARG D 100 0.31 -13.79 12.08
CA ARG D 100 0.61 -13.38 10.71
C ARG D 100 0.16 -14.43 9.70
N GLY D 101 0.73 -15.63 9.78
CA GLY D 101 0.50 -16.65 8.77
C GLY D 101 -0.70 -17.54 9.07
N ARG D 102 -1.02 -18.38 8.08
CA ARG D 102 -2.15 -19.29 8.17
C ARG D 102 -1.80 -20.71 7.72
N GLY D 103 -0.52 -21.00 7.48
CA GLY D 103 -0.11 -22.32 7.08
C GLY D 103 0.12 -23.24 8.27
N LEU D 104 0.45 -24.49 7.93
CA LEU D 104 0.69 -25.52 8.95
C LEU D 104 1.80 -25.10 9.92
N TYR D 105 2.97 -24.74 9.38
CA TYR D 105 4.13 -24.40 10.19
C TYR D 105 4.22 -22.91 10.50
N ASP D 106 3.13 -22.16 10.33
CA ASP D 106 3.11 -20.77 10.80
C ASP D 106 2.89 -20.70 12.31
N TYR D 107 2.14 -21.67 12.86
CA TYR D 107 1.96 -21.88 14.30
C TYR D 107 1.05 -20.84 14.96
N VAL D 108 0.15 -21.34 15.81
CA VAL D 108 -0.86 -20.50 16.44
C VAL D 108 -0.22 -19.44 17.33
N TRP D 109 0.85 -19.80 18.02
CA TRP D 109 1.50 -18.96 19.00
C TRP D 109 2.59 -18.06 18.40
N GLY D 110 2.75 -18.07 17.08
CA GLY D 110 3.93 -17.50 16.45
C GLY D 110 3.88 -16.03 16.09
N SER D 111 4.32 -15.71 14.86
CA SER D 111 4.46 -14.32 14.43
C SER D 111 3.13 -13.59 14.49
N LYS D 112 3.16 -12.36 15.00
CA LYS D 112 1.94 -11.59 15.27
C LYS D 112 1.97 -10.30 14.46
N ASP D 113 1.05 -10.21 13.50
CA ASP D 113 1.10 -9.25 12.41
C ASP D 113 0.52 -7.89 12.80
N TYR D 114 -0.68 -7.90 13.37
CA TYR D 114 -1.34 -6.68 13.83
C TYR D 114 -1.68 -6.83 15.30
N TRP D 115 -1.55 -5.74 16.04
CA TRP D 115 -1.86 -5.70 17.47
C TRP D 115 -2.89 -4.62 17.72
N GLY D 116 -3.74 -4.86 18.73
CA GLY D 116 -4.67 -3.84 19.17
C GLY D 116 -3.97 -2.76 19.98
N GLN D 117 -4.74 -1.75 20.36
CA GLN D 117 -4.17 -0.67 21.14
C GLN D 117 -3.98 -1.06 22.60
N GLY D 118 -4.74 -2.03 23.09
CA GLY D 118 -4.55 -2.58 24.41
C GLY D 118 -5.66 -2.20 25.36
N THR D 119 -5.67 -2.89 26.50
CA THR D 119 -6.60 -2.59 27.57
C THR D 119 -5.89 -2.82 28.90
N LEU D 120 -5.98 -1.86 29.79
CA LEU D 120 -5.27 -1.93 31.07
C LEU D 120 -6.12 -2.61 32.12
N VAL D 121 -5.53 -3.55 32.84
CA VAL D 121 -6.18 -4.27 33.92
C VAL D 121 -5.40 -3.97 35.21
N THR D 122 -6.11 -3.53 36.24
CA THR D 122 -5.49 -3.16 37.51
C THR D 122 -6.08 -4.03 38.63
N VAL D 123 -5.24 -4.86 39.21
CA VAL D 123 -5.61 -5.66 40.38
C VAL D 123 -5.23 -4.87 41.62
N SER D 124 -6.23 -4.40 42.37
CA SER D 124 -5.92 -3.55 43.52
C SER D 124 -7.10 -3.48 44.47
N SER D 125 -6.79 -3.22 45.73
CA SER D 125 -7.80 -2.96 46.75
C SER D 125 -8.41 -1.58 46.63
N ALA D 126 -7.72 -0.66 45.95
CA ALA D 126 -8.06 0.75 46.04
C ALA D 126 -9.36 1.07 45.30
N SER D 127 -9.94 2.22 45.67
CA SER D 127 -11.19 2.70 45.12
C SER D 127 -10.93 3.73 44.03
N THR D 128 -11.87 3.81 43.08
CA THR D 128 -11.71 4.70 41.94
C THR D 128 -12.03 6.14 42.34
N LYS D 129 -11.16 7.08 41.93
CA LYS D 129 -11.31 8.48 42.29
C LYS D 129 -11.01 9.37 41.09
N GLY D 130 -11.88 10.33 40.83
CA GLY D 130 -11.65 11.31 39.78
C GLY D 130 -10.60 12.33 40.18
N PRO D 131 -9.93 12.91 39.19
CA PRO D 131 -8.83 13.83 39.48
C PRO D 131 -9.29 15.26 39.69
N SER D 132 -8.40 16.05 40.28
CA SER D 132 -8.56 17.49 40.38
C SER D 132 -7.56 18.16 39.44
N VAL D 133 -8.03 19.16 38.69
CA VAL D 133 -7.22 19.83 37.67
C VAL D 133 -6.91 21.24 38.14
N PHE D 134 -5.62 21.57 38.17
CA PHE D 134 -5.21 22.91 38.56
C PHE D 134 -4.34 23.54 37.47
N PRO D 135 -4.46 24.85 37.26
CA PRO D 135 -3.65 25.49 36.24
C PRO D 135 -2.20 25.66 36.71
N LEU D 136 -1.29 25.58 35.76
CA LEU D 136 0.11 25.93 35.95
C LEU D 136 0.31 27.24 35.19
N ALA D 137 0.16 28.36 35.90
CA ALA D 137 0.09 29.67 35.28
C ALA D 137 1.49 30.15 34.86
N PRO D 138 1.59 30.81 33.69
CA PRO D 138 2.78 31.55 33.29
C PRO D 138 2.88 32.90 33.98
N GLY D 146 11.01 35.26 25.13
CA GLY D 146 9.84 35.45 24.30
C GLY D 146 9.10 34.16 24.00
N THR D 147 9.20 33.21 24.92
CA THR D 147 8.55 31.92 24.78
C THR D 147 8.18 31.39 26.16
N ALA D 148 6.89 31.15 26.37
CA ALA D 148 6.35 30.86 27.70
C ALA D 148 5.97 29.39 27.84
N ALA D 149 5.83 28.97 29.09
CA ALA D 149 5.34 27.65 29.43
C ALA D 149 4.09 27.78 30.28
N LEU D 150 3.18 26.83 30.12
CA LEU D 150 1.92 26.82 30.84
C LEU D 150 1.41 25.39 30.78
N GLY D 151 0.47 25.05 31.66
CA GLY D 151 0.05 23.67 31.70
C GLY D 151 -0.99 23.40 32.75
N CYS D 152 -1.32 22.11 32.88
CA CYS D 152 -2.35 21.63 33.79
C CYS D 152 -1.77 20.55 34.70
N LEU D 153 -2.06 20.66 35.98
CA LEU D 153 -1.71 19.64 36.96
C LEU D 153 -2.94 18.79 37.24
N VAL D 154 -2.84 17.50 36.96
CA VAL D 154 -3.95 16.55 37.11
C VAL D 154 -3.59 15.66 38.29
N LYS D 155 -4.25 15.88 39.43
CA LYS D 155 -3.78 15.37 40.71
C LYS D 155 -4.79 14.45 41.37
N ASP D 156 -4.28 13.40 42.03
CA ASP D 156 -5.03 12.57 42.96
C ASP D 156 -6.16 11.80 42.29
N TYR D 157 -5.82 10.79 41.49
CA TYR D 157 -6.82 9.99 40.81
C TYR D 157 -6.40 8.53 40.81
N PHE D 158 -7.40 7.64 40.68
CA PHE D 158 -7.21 6.21 40.55
C PHE D 158 -8.40 5.66 39.79
N PRO D 159 -8.20 4.70 38.89
CA PRO D 159 -6.90 4.21 38.44
C PRO D 159 -6.39 5.03 37.27
N GLU D 160 -5.47 4.46 36.52
CA GLU D 160 -5.08 5.00 35.24
C GLU D 160 -5.96 4.43 34.14
N PRO D 161 -6.01 5.06 32.95
CA PRO D 161 -5.26 6.24 32.51
C PRO D 161 -6.03 7.55 32.53
N VAL D 162 -5.29 8.63 32.29
CA VAL D 162 -5.85 9.97 32.14
C VAL D 162 -5.34 10.53 30.81
N THR D 163 -6.25 11.09 30.01
CA THR D 163 -5.89 11.73 28.76
C THR D 163 -6.01 13.23 28.90
N VAL D 164 -5.05 13.96 28.33
CA VAL D 164 -5.04 15.42 28.36
C VAL D 164 -4.82 15.93 26.94
N SER D 165 -5.75 16.74 26.44
CA SER D 165 -5.60 17.43 25.18
C SER D 165 -5.68 18.93 25.44
N TRP D 166 -5.29 19.70 24.44
CA TRP D 166 -5.26 21.16 24.54
C TRP D 166 -6.11 21.78 23.45
N ASN D 167 -6.99 22.71 23.84
CA ASN D 167 -7.93 23.34 22.93
C ASN D 167 -8.61 22.29 22.05
N SER D 168 -9.15 21.26 22.72
CA SER D 168 -9.93 20.18 22.10
C SER D 168 -9.15 19.46 21.01
N GLY D 169 -7.81 19.54 21.03
CA GLY D 169 -6.98 18.89 20.05
C GLY D 169 -6.35 19.83 19.05
N ALA D 170 -6.73 21.12 19.05
CA ALA D 170 -6.17 22.06 18.09
C ALA D 170 -4.71 22.39 18.39
N LEU D 171 -4.26 22.17 19.61
CA LEU D 171 -2.90 22.48 20.03
C LEU D 171 -2.20 21.16 20.35
N THR D 172 -1.29 20.76 19.46
CA THR D 172 -0.50 19.54 19.60
C THR D 172 0.99 19.81 19.56
N SER D 173 1.42 20.77 18.75
CA SER D 173 2.81 21.19 18.70
C SER D 173 3.23 21.78 20.03
N GLY D 174 4.25 21.18 20.65
CA GLY D 174 4.83 21.73 21.86
C GLY D 174 4.29 21.17 23.16
N VAL D 175 3.53 20.09 23.12
CA VAL D 175 2.89 19.54 24.32
C VAL D 175 3.70 18.36 24.84
N HIS D 176 3.95 18.34 26.14
CA HIS D 176 4.43 17.16 26.85
C HIS D 176 3.46 16.85 27.97
N THR D 177 2.91 15.63 27.97
CA THR D 177 2.12 15.15 29.08
C THR D 177 2.92 14.04 29.76
N PHE D 178 3.43 14.33 30.95
CA PHE D 178 4.38 13.45 31.60
C PHE D 178 3.71 12.17 32.10
N PRO D 179 4.48 11.09 32.22
CA PRO D 179 3.96 9.89 32.87
C PRO D 179 3.49 10.19 34.29
N ALA D 180 2.44 9.49 34.70
CA ALA D 180 1.94 9.66 36.06
C ALA D 180 2.90 9.06 37.07
N VAL D 181 2.95 9.66 38.26
CA VAL D 181 3.70 9.13 39.39
C VAL D 181 2.72 8.71 40.46
N LEU D 182 3.11 7.69 41.23
CA LEU D 182 2.30 7.18 42.33
C LEU D 182 2.69 7.93 43.60
N GLN D 183 1.77 8.74 44.11
CA GLN D 183 2.02 9.46 45.36
C GLN D 183 1.85 8.51 46.54
N SER D 184 2.36 8.94 47.70
CA SER D 184 2.26 8.14 48.92
C SER D 184 0.81 7.83 49.28
N SER D 185 -0.12 8.69 48.85
CA SER D 185 -1.53 8.51 49.15
C SER D 185 -2.13 7.29 48.44
N GLY D 186 -1.39 6.66 47.54
CA GLY D 186 -1.95 5.63 46.68
C GLY D 186 -2.54 6.16 45.40
N LEU D 187 -2.73 7.47 45.28
CA LEU D 187 -3.31 8.09 44.09
C LEU D 187 -2.22 8.52 43.11
N TYR D 188 -2.61 8.60 41.85
CA TYR D 188 -1.72 9.03 40.78
C TYR D 188 -1.76 10.54 40.62
N SER D 189 -0.69 11.07 40.02
CA SER D 189 -0.65 12.49 39.69
C SER D 189 0.21 12.67 38.46
N LEU D 190 -0.23 13.57 37.57
CA LEU D 190 0.59 13.96 36.43
C LEU D 190 0.35 15.44 36.14
N SER D 191 1.19 15.98 35.27
CA SER D 191 1.00 17.30 34.71
C SER D 191 1.11 17.21 33.20
N SER D 192 0.61 18.23 32.53
CA SER D 192 0.73 18.37 31.09
C SER D 192 1.08 19.80 30.79
N VAL D 193 2.16 20.02 30.05
CA VAL D 193 2.68 21.36 29.80
C VAL D 193 2.72 21.59 28.29
N VAL D 194 2.85 22.86 27.92
CA VAL D 194 2.96 23.24 26.52
C VAL D 194 3.71 24.56 26.44
N THR D 195 4.56 24.69 25.42
CA THR D 195 5.31 25.90 25.16
C THR D 195 4.63 26.71 24.07
N VAL D 196 4.46 28.00 24.31
CA VAL D 196 3.87 28.91 23.33
C VAL D 196 4.77 30.13 23.23
N PRO D 197 4.62 30.92 22.16
CA PRO D 197 5.31 32.22 22.13
C PRO D 197 4.74 33.15 23.18
N SER D 198 5.65 33.74 23.98
CA SER D 198 5.22 34.65 25.04
C SER D 198 4.40 35.81 24.50
N SER D 199 4.72 36.26 23.28
CA SER D 199 3.99 37.36 22.65
C SER D 199 2.51 37.08 22.48
N SER D 200 2.06 35.85 22.74
CA SER D 200 0.67 35.47 22.51
C SER D 200 -0.11 35.24 23.80
N LEU D 201 0.55 35.33 24.96
CA LEU D 201 -0.16 35.17 26.23
C LEU D 201 -1.23 36.23 26.43
N GLY D 202 -1.13 37.35 25.72
CA GLY D 202 -2.13 38.39 25.83
C GLY D 202 -3.49 37.98 25.30
N THR D 203 -3.57 37.59 24.03
CA THR D 203 -4.85 37.42 23.35
C THR D 203 -5.22 35.97 23.05
N GLN D 204 -4.27 35.04 23.02
CA GLN D 204 -4.62 33.66 22.79
C GLN D 204 -5.17 33.03 24.07
N THR D 205 -5.94 31.95 23.90
CA THR D 205 -6.57 31.27 25.01
C THR D 205 -6.20 29.80 24.98
N TYR D 206 -5.82 29.26 26.14
CA TYR D 206 -5.39 27.88 26.26
C TYR D 206 -6.26 27.18 27.29
N ILE D 207 -6.96 26.14 26.84
CA ILE D 207 -7.81 25.32 27.68
C ILE D 207 -7.32 23.88 27.57
N CYS D 208 -7.08 23.24 28.70
CA CYS D 208 -6.72 21.84 28.71
C CYS D 208 -7.96 21.01 29.03
N ASN D 209 -8.09 19.89 28.32
CA ASN D 209 -9.25 19.02 28.44
C ASN D 209 -8.78 17.71 29.06
N VAL D 210 -9.08 17.53 30.32
CA VAL D 210 -8.71 16.32 31.03
C VAL D 210 -9.88 15.37 30.98
N ASN D 211 -9.60 14.09 30.75
CA ASN D 211 -10.63 13.08 30.61
C ASN D 211 -10.17 11.84 31.38
N HIS D 212 -10.90 11.48 32.42
CA HIS D 212 -10.63 10.29 33.22
C HIS D 212 -11.84 9.36 33.07
N LYS D 213 -11.80 8.52 32.04
CA LYS D 213 -12.91 7.61 31.79
C LYS D 213 -13.23 6.67 32.95
N PRO D 214 -12.24 6.05 33.64
CA PRO D 214 -12.58 5.12 34.73
C PRO D 214 -13.57 5.66 35.77
N SER D 215 -13.80 6.98 35.79
CA SER D 215 -14.74 7.57 36.73
C SER D 215 -15.67 8.58 36.07
N ASN D 216 -15.73 8.63 34.74
CA ASN D 216 -16.56 9.57 34.00
C ASN D 216 -16.34 11.00 34.49
N THR D 217 -15.06 11.37 34.57
CA THR D 217 -14.66 12.74 34.87
C THR D 217 -14.15 13.37 33.58
N LYS D 218 -14.66 14.56 33.27
CA LYS D 218 -14.21 15.29 32.09
C LYS D 218 -14.23 16.77 32.44
N VAL D 219 -13.06 17.41 32.36
CA VAL D 219 -12.83 18.71 32.96
C VAL D 219 -12.17 19.61 31.94
N ASP D 220 -12.64 20.84 31.86
CA ASP D 220 -11.97 21.89 31.10
C ASP D 220 -11.53 22.95 32.08
N LYS D 221 -10.23 23.23 32.12
CA LYS D 221 -9.74 24.37 32.87
C LYS D 221 -8.95 25.24 31.93
N LYS D 222 -9.31 26.49 31.87
CA LYS D 222 -8.58 27.46 31.09
C LYS D 222 -7.40 27.98 31.91
N VAL D 223 -6.24 28.05 31.27
CA VAL D 223 -4.99 28.41 31.92
C VAL D 223 -4.56 29.77 31.42
N GLU D 224 -4.22 30.66 32.35
CA GLU D 224 -4.06 32.07 32.00
C GLU D 224 -3.09 32.74 32.97
N PRO D 225 -2.33 33.73 32.50
CA PRO D 225 -1.31 34.40 33.34
C PRO D 225 -1.93 35.07 34.58
N LYS D 226 -1.47 34.71 35.80
CA LYS D 226 -2.19 35.23 36.98
C LYS D 226 -1.79 36.71 37.14
N ASP E 1 12.10 -23.70 28.88
CA ASP E 1 11.72 -22.83 27.77
C ASP E 1 12.96 -22.36 27.03
N ILE E 2 12.76 -21.80 25.84
CA ILE E 2 13.87 -21.16 25.12
C ILE E 2 14.13 -19.81 25.76
N VAL E 3 15.39 -19.55 26.08
CA VAL E 3 15.79 -18.26 26.63
C VAL E 3 16.37 -17.42 25.51
N MET E 4 15.89 -16.19 25.38
CA MET E 4 16.40 -15.24 24.40
C MET E 4 17.19 -14.16 25.12
N THR E 5 18.43 -13.97 24.70
CA THR E 5 19.37 -13.07 25.37
C THR E 5 19.67 -11.91 24.42
N GLN E 6 19.20 -10.72 24.78
CA GLN E 6 19.40 -9.54 23.95
C GLN E 6 20.60 -8.74 24.41
N SER E 7 21.31 -8.17 23.45
CA SER E 7 22.51 -7.38 23.71
C SER E 7 22.58 -6.25 22.70
N PRO E 8 22.86 -5.02 23.15
CA PRO E 8 22.91 -4.68 24.57
C PRO E 8 21.51 -4.35 25.08
N LEU E 9 21.35 -4.05 26.36
CA LEU E 9 20.03 -3.64 26.84
C LEU E 9 19.76 -2.17 26.58
N SER E 10 20.80 -1.39 26.28
CA SER E 10 20.65 0.00 25.85
C SER E 10 21.69 0.28 24.77
N LEU E 11 21.27 0.93 23.69
CA LEU E 11 22.14 1.14 22.54
C LEU E 11 22.12 2.61 22.12
N PRO E 12 23.18 3.37 22.40
CA PRO E 12 23.24 4.76 21.93
C PRO E 12 23.77 4.83 20.51
N VAL E 13 23.07 5.54 19.64
CA VAL E 13 23.43 5.63 18.22
C VAL E 13 23.32 7.09 17.78
N THR E 14 24.31 7.54 17.02
CA THR E 14 24.21 8.88 16.46
C THR E 14 23.29 8.85 15.24
N PRO E 15 22.39 9.82 15.09
CA PRO E 15 21.53 9.84 13.90
C PRO E 15 22.36 9.72 12.64
N GLY E 16 21.97 8.81 11.74
CA GLY E 16 22.65 8.53 10.49
C GLY E 16 23.57 7.34 10.54
N GLU E 17 24.02 6.99 11.74
CA GLU E 17 24.96 5.92 12.03
C GLU E 17 24.17 4.59 11.98
N PRO E 18 24.79 3.48 11.58
CA PRO E 18 24.08 2.20 11.67
C PRO E 18 24.03 1.68 13.11
N ALA E 19 23.12 0.74 13.34
CA ALA E 19 22.97 0.12 14.64
C ALA E 19 22.82 -1.39 14.48
N SER E 20 23.12 -2.11 15.56
CA SER E 20 23.06 -3.56 15.54
C SER E 20 22.62 -4.07 16.91
N ILE E 21 21.57 -4.89 16.92
CA ILE E 21 21.08 -5.55 18.12
C ILE E 21 21.33 -7.04 17.96
N SER E 22 21.95 -7.64 18.97
CA SER E 22 22.22 -9.07 18.99
C SER E 22 21.18 -9.78 19.83
N CYS E 23 20.82 -11.00 19.41
CA CYS E 23 19.87 -11.84 20.13
C CYS E 23 20.34 -13.28 20.01
N ARG E 24 20.63 -13.90 21.16
CA ARG E 24 21.07 -15.29 21.23
C ARG E 24 19.98 -16.15 21.86
N SER E 25 19.88 -17.40 21.41
CA SER E 25 18.81 -18.29 21.81
C SER E 25 19.37 -19.54 22.47
N SER E 26 18.64 -20.03 23.48
CA SER E 26 18.90 -21.32 24.12
C SER E 26 19.08 -22.43 23.11
N GLN E 27 18.00 -22.83 22.45
CA GLN E 27 18.03 -23.85 21.42
C GLN E 27 18.11 -23.20 20.03
N SER E 28 18.52 -24.01 19.05
CA SER E 28 18.46 -23.56 17.68
C SER E 28 17.01 -23.36 17.26
N LEU E 29 16.74 -22.23 16.62
CA LEU E 29 15.41 -21.95 16.10
C LEU E 29 15.22 -22.42 14.67
N LEU E 30 16.23 -23.08 14.10
CA LEU E 30 16.17 -23.55 12.72
C LEU E 30 15.15 -24.67 12.60
N HIS E 31 14.05 -24.39 11.89
CA HIS E 31 13.03 -25.39 11.64
C HIS E 31 13.51 -26.40 10.61
N SER E 32 12.84 -27.55 10.60
CA SER E 32 13.10 -28.56 9.57
C SER E 32 12.93 -28.00 8.17
N ASN E 33 12.08 -26.99 8.01
CA ASN E 33 11.73 -26.45 6.71
C ASN E 33 12.68 -25.36 6.22
N GLY E 34 13.81 -25.16 6.88
CA GLY E 34 14.81 -24.22 6.44
C GLY E 34 14.70 -22.83 7.04
N TYR E 35 13.54 -22.47 7.58
CA TYR E 35 13.31 -21.16 8.16
C TYR E 35 13.77 -21.11 9.61
N ASN E 36 14.44 -20.03 9.99
CA ASN E 36 14.72 -19.73 11.38
C ASN E 36 13.55 -18.95 11.97
N TYR E 37 13.00 -19.45 13.08
CA TYR E 37 11.73 -18.92 13.61
C TYR E 37 12.02 -17.85 14.67
N LEU E 38 12.58 -16.74 14.20
CA LEU E 38 12.84 -15.59 15.06
C LEU E 38 12.09 -14.38 14.53
N ASP E 39 11.48 -13.62 15.44
CA ASP E 39 10.78 -12.40 15.12
C ASP E 39 11.46 -11.21 15.80
N TRP E 40 11.28 -10.04 15.19
CA TRP E 40 11.73 -8.78 15.77
C TRP E 40 10.52 -7.85 15.86
N TYR E 41 10.27 -7.34 17.07
CA TYR E 41 9.19 -6.40 17.30
C TYR E 41 9.77 -5.08 17.81
N LEU E 42 9.08 -3.99 17.49
CA LEU E 42 9.45 -2.67 17.97
C LEU E 42 8.25 -2.03 18.64
N GLN E 43 8.48 -1.41 19.79
CA GLN E 43 7.44 -0.68 20.51
C GLN E 43 7.90 0.77 20.67
N LYS E 44 7.37 1.64 19.81
CA LYS E 44 7.61 3.06 19.95
C LYS E 44 6.94 3.57 21.22
N PRO E 45 7.46 4.63 21.83
CA PRO E 45 6.92 5.09 23.11
C PRO E 45 5.45 5.48 23.00
N GLY E 46 4.63 4.92 23.88
CA GLY E 46 3.22 5.18 23.91
C GLY E 46 2.38 4.37 22.94
N GLN E 47 3.00 3.62 22.04
CA GLN E 47 2.28 2.79 21.09
C GLN E 47 2.38 1.32 21.49
N SER E 48 1.60 0.50 20.81
CA SER E 48 1.68 -0.94 21.01
C SER E 48 2.69 -1.54 20.03
N PRO E 49 3.23 -2.72 20.34
CA PRO E 49 4.35 -3.26 19.54
C PRO E 49 3.94 -3.55 18.11
N GLN E 50 4.97 -3.80 17.29
CA GLN E 50 4.85 -3.74 15.84
C GLN E 50 5.88 -4.67 15.23
N LEU E 51 5.46 -5.49 14.28
CA LEU E 51 6.33 -6.48 13.67
C LEU E 51 7.30 -5.81 12.70
N LEU E 52 8.60 -6.00 12.91
CA LEU E 52 9.61 -5.58 11.95
C LEU E 52 10.06 -6.75 11.07
N ILE E 53 10.60 -7.80 11.69
CA ILE E 53 11.14 -8.94 10.98
C ILE E 53 10.44 -10.20 11.49
N TYR E 54 10.10 -11.09 10.57
CA TYR E 54 9.58 -12.40 10.93
C TYR E 54 10.37 -13.47 10.19
N LEU E 55 10.42 -14.65 10.80
CA LEU E 55 11.19 -15.78 10.28
C LEU E 55 12.63 -15.37 10.00
N GLY E 56 13.18 -14.55 10.88
CA GLY E 56 14.60 -14.19 10.82
C GLY E 56 15.04 -13.07 9.90
N SER E 57 14.58 -13.07 8.65
CA SER E 57 15.12 -12.15 7.66
C SER E 57 14.07 -11.42 6.83
N ASN E 58 12.78 -11.64 7.07
CA ASN E 58 11.72 -11.09 6.24
C ASN E 58 11.17 -9.82 6.86
N ARG E 59 11.28 -8.71 6.14
CA ARG E 59 10.70 -7.46 6.61
C ARG E 59 9.17 -7.54 6.54
N ALA E 60 8.51 -7.07 7.59
CA ALA E 60 7.06 -7.07 7.61
C ALA E 60 6.51 -6.02 6.65
N SER E 61 5.21 -6.10 6.40
CA SER E 61 4.54 -5.15 5.53
C SER E 61 4.74 -3.73 6.05
N GLY E 62 5.17 -2.83 5.16
CA GLY E 62 5.42 -1.45 5.52
C GLY E 62 6.78 -1.16 6.10
N VAL E 63 7.58 -2.17 6.40
CA VAL E 63 8.86 -1.96 7.08
C VAL E 63 9.88 -1.45 6.08
N PRO E 64 10.54 -0.31 6.35
CA PRO E 64 11.57 0.19 5.43
C PRO E 64 12.71 -0.81 5.21
N ASP E 65 13.45 -0.58 4.12
CA ASP E 65 14.53 -1.47 3.74
C ASP E 65 15.79 -1.29 4.58
N ARG E 66 15.92 -0.17 5.29
CA ARG E 66 17.07 -0.01 6.17
C ARG E 66 16.99 -0.90 7.40
N PHE E 67 15.84 -1.55 7.63
CA PHE E 67 15.74 -2.58 8.64
C PHE E 67 16.07 -3.93 8.01
N SER E 68 16.76 -4.77 8.79
CA SER E 68 17.48 -5.92 8.24
C SER E 68 17.61 -6.98 9.32
N GLY E 69 17.28 -8.23 8.98
CA GLY E 69 17.49 -9.34 9.88
C GLY E 69 18.39 -10.40 9.30
N SER E 70 19.35 -10.87 10.09
CA SER E 70 20.30 -11.88 9.63
C SER E 70 20.56 -12.87 10.77
N GLY E 71 21.29 -13.92 10.43
CA GLY E 71 21.70 -14.92 11.40
C GLY E 71 21.00 -16.25 11.18
N SER E 72 21.47 -17.25 11.91
CA SER E 72 20.93 -18.59 11.77
C SER E 72 21.20 -19.37 13.05
N GLY E 73 20.32 -20.33 13.33
CA GLY E 73 20.51 -21.23 14.44
C GLY E 73 20.27 -20.62 15.79
N THR E 74 21.31 -20.03 16.38
CA THR E 74 21.22 -19.44 17.71
C THR E 74 21.72 -18.00 17.77
N ASP E 75 22.39 -17.51 16.74
CA ASP E 75 22.95 -16.16 16.73
C ASP E 75 22.25 -15.36 15.63
N PHE E 76 21.47 -14.37 16.03
CA PHE E 76 20.73 -13.53 15.10
C PHE E 76 21.08 -12.07 15.34
N THR E 77 20.75 -11.23 14.36
CA THR E 77 21.11 -9.83 14.42
C THR E 77 20.07 -9.00 13.69
N LEU E 78 19.65 -7.91 14.31
CA LEU E 78 18.85 -6.88 13.66
C LEU E 78 19.75 -5.67 13.40
N LYS E 79 19.78 -5.21 12.16
CA LYS E 79 20.59 -4.06 11.78
C LYS E 79 19.72 -2.97 11.18
N ILE E 80 19.95 -1.74 11.62
CA ILE E 80 19.33 -0.56 11.06
C ILE E 80 20.45 0.25 10.41
N SER E 81 20.48 0.27 9.07
CA SER E 81 21.63 0.80 8.36
C SER E 81 21.80 2.30 8.57
N ARG E 82 20.71 3.07 8.47
CA ARG E 82 20.69 4.48 8.86
C ARG E 82 19.65 4.66 9.96
N VAL E 83 20.12 4.80 11.20
CA VAL E 83 19.21 5.10 12.30
C VAL E 83 18.76 6.54 12.19
N GLU E 84 17.47 6.77 12.44
CA GLU E 84 16.93 8.12 12.43
C GLU E 84 15.92 8.27 13.56
N ALA E 85 15.49 9.52 13.78
CA ALA E 85 14.80 9.89 15.02
C ALA E 85 13.52 9.07 15.25
N GLU E 86 12.82 8.70 14.18
CA GLU E 86 11.58 7.95 14.35
C GLU E 86 11.81 6.56 14.92
N ASP E 87 13.03 6.03 14.80
CA ASP E 87 13.31 4.67 15.22
C ASP E 87 13.42 4.49 16.72
N VAL E 88 13.43 5.58 17.50
CA VAL E 88 13.59 5.44 18.95
C VAL E 88 12.46 4.56 19.51
N GLY E 89 12.80 3.75 20.49
CA GLY E 89 11.87 2.80 21.05
C GLY E 89 12.60 1.58 21.56
N VAL E 90 11.83 0.57 21.95
CA VAL E 90 12.35 -0.66 22.52
C VAL E 90 12.13 -1.79 21.52
N TYR E 91 13.19 -2.54 21.23
CA TYR E 91 13.15 -3.64 20.28
C TYR E 91 13.20 -4.97 21.03
N TYR E 92 12.30 -5.89 20.69
CA TYR E 92 12.25 -7.22 21.29
C TYR E 92 12.41 -8.27 20.20
N CYS E 93 13.34 -9.20 20.41
CA CYS E 93 13.31 -10.42 19.61
C CYS E 93 12.39 -11.43 20.29
N MET E 94 12.00 -12.45 19.55
CA MET E 94 11.07 -13.45 20.06
C MET E 94 11.20 -14.72 19.25
N GLN E 95 11.29 -15.86 19.93
CA GLN E 95 11.24 -17.14 19.23
C GLN E 95 9.79 -17.53 18.95
N ALA E 96 9.58 -18.20 17.82
CA ALA E 96 8.25 -18.59 17.41
C ALA E 96 8.09 -20.10 17.22
N LEU E 97 9.08 -20.89 17.64
CA LEU E 97 8.99 -22.34 17.56
C LEU E 97 7.95 -22.88 18.52
N GLN E 98 8.24 -22.81 19.81
CA GLN E 98 7.59 -23.63 20.81
C GLN E 98 6.60 -22.85 21.66
N THR E 99 5.78 -23.60 22.39
CA THR E 99 4.58 -23.05 23.00
C THR E 99 4.84 -21.98 24.05
N PRO E 100 5.82 -22.10 24.95
CA PRO E 100 6.19 -20.91 25.74
C PRO E 100 6.76 -19.85 24.80
N GLY E 101 5.92 -18.91 24.38
CA GLY E 101 6.38 -17.82 23.57
C GLY E 101 7.21 -16.86 24.41
N THR E 102 8.51 -16.77 24.14
CA THR E 102 9.44 -16.08 25.01
C THR E 102 10.09 -14.91 24.28
N PHE E 103 10.13 -13.76 24.93
CA PHE E 103 10.69 -12.54 24.39
C PHE E 103 12.06 -12.25 24.98
N GLY E 104 12.92 -11.65 24.17
CA GLY E 104 14.11 -11.02 24.71
C GLY E 104 13.75 -9.91 25.68
N GLN E 105 14.72 -9.52 26.50
CA GLN E 105 14.44 -8.52 27.51
C GLN E 105 14.20 -7.13 26.92
N GLY E 106 14.46 -6.94 25.64
CA GLY E 106 14.23 -5.64 25.01
C GLY E 106 15.46 -4.77 25.02
N THR E 107 15.67 -4.03 23.94
CA THR E 107 16.80 -3.14 23.80
C THR E 107 16.30 -1.73 23.57
N ARG E 108 16.67 -0.81 24.46
CA ARG E 108 16.24 0.58 24.33
C ARG E 108 17.19 1.27 23.37
N LEU E 109 16.75 1.45 22.13
CA LEU E 109 17.48 2.27 21.18
C LEU E 109 17.45 3.72 21.65
N GLU E 110 18.60 4.22 22.09
CA GLU E 110 18.74 5.65 22.32
C GLU E 110 19.39 6.29 21.10
N ILE E 111 19.03 7.55 20.88
CA ILE E 111 19.56 8.33 19.78
C ILE E 111 20.55 9.33 20.34
N LYS E 112 21.85 9.04 20.18
CA LYS E 112 22.88 9.88 20.79
C LYS E 112 23.00 11.14 19.96
N ARG E 113 22.28 12.10 20.47
CA ARG E 113 21.91 13.38 19.91
C ARG E 113 22.89 14.41 20.49
N THR E 114 22.88 15.64 19.97
CA THR E 114 23.83 16.62 20.45
C THR E 114 23.33 17.27 21.73
N VAL E 115 24.28 17.66 22.60
CA VAL E 115 23.93 18.15 23.93
C VAL E 115 23.09 19.41 23.82
N ALA E 116 21.85 19.34 24.34
CA ALA E 116 20.95 20.47 24.41
C ALA E 116 20.59 20.74 25.87
N ALA E 117 20.69 22.01 26.27
CA ALA E 117 20.38 22.35 27.64
C ALA E 117 18.88 22.61 27.80
N PRO E 118 18.32 22.36 28.98
CA PRO E 118 16.88 22.54 29.16
C PRO E 118 16.48 24.00 29.31
N SER E 119 15.29 24.31 28.82
CA SER E 119 14.59 25.50 29.27
C SER E 119 13.92 25.17 30.60
N VAL E 120 14.06 26.08 31.56
CA VAL E 120 13.62 25.84 32.93
C VAL E 120 12.49 26.80 33.27
N PHE E 121 11.39 26.24 33.80
CA PHE E 121 10.25 27.04 34.25
C PHE E 121 9.82 26.54 35.62
N ILE E 122 9.24 27.43 36.41
CA ILE E 122 8.72 27.10 37.74
C ILE E 122 7.32 27.68 37.86
N PHE E 123 6.40 26.90 38.41
CA PHE E 123 5.01 27.29 38.53
C PHE E 123 4.59 27.28 39.99
N PRO E 124 4.15 28.40 40.56
CA PRO E 124 3.59 28.37 41.91
C PRO E 124 2.28 27.60 41.92
N PRO E 125 1.83 27.15 43.09
CA PRO E 125 0.54 26.46 43.14
C PRO E 125 -0.60 27.42 42.84
N SER E 126 -1.67 26.87 42.27
CA SER E 126 -2.83 27.68 41.98
C SER E 126 -3.53 28.08 43.28
N ASP E 127 -4.50 28.99 43.16
CA ASP E 127 -5.31 29.34 44.31
C ASP E 127 -6.37 28.27 44.58
N GLU E 128 -6.91 27.66 43.52
CA GLU E 128 -7.84 26.54 43.67
C GLU E 128 -7.30 25.50 44.63
N GLN E 129 -6.06 25.06 44.40
CA GLN E 129 -5.48 23.99 45.21
C GLN E 129 -5.23 24.45 46.63
N LEU E 130 -4.89 25.73 46.83
CA LEU E 130 -4.61 26.23 48.17
C LEU E 130 -5.86 26.32 49.04
N LYS E 131 -7.05 26.39 48.42
CA LYS E 131 -8.28 26.26 49.20
C LYS E 131 -8.38 24.89 49.84
N SER E 132 -8.02 23.84 49.10
CA SER E 132 -8.14 22.46 49.57
C SER E 132 -6.92 21.98 50.36
N GLY E 133 -6.03 22.89 50.76
CA GLY E 133 -5.14 22.65 51.87
C GLY E 133 -3.71 22.26 51.55
N THR E 134 -3.37 21.94 50.29
CA THR E 134 -2.00 21.62 49.95
C THR E 134 -1.49 22.56 48.87
N ALA E 135 -0.19 22.47 48.59
CA ALA E 135 0.44 23.27 47.55
C ALA E 135 1.45 22.42 46.80
N SER E 136 1.35 22.43 45.47
CA SER E 136 2.31 21.78 44.59
C SER E 136 3.07 22.84 43.83
N VAL E 137 4.39 22.84 43.97
CA VAL E 137 5.27 23.70 43.18
C VAL E 137 5.90 22.82 42.10
N VAL E 138 5.75 23.22 40.84
CA VAL E 138 6.19 22.41 39.71
C VAL E 138 7.35 23.11 39.03
N CYS E 139 8.42 22.36 38.76
CA CYS E 139 9.56 22.83 37.98
C CYS E 139 9.62 22.02 36.70
N LEU E 140 9.81 22.71 35.57
CA LEU E 140 9.79 22.09 34.25
C LEU E 140 11.14 22.27 33.59
N LEU E 141 11.77 21.15 33.25
CA LEU E 141 12.97 21.14 32.43
C LEU E 141 12.55 20.65 31.06
N ASN E 142 12.73 21.48 30.03
CA ASN E 142 12.10 21.22 28.74
C ASN E 142 13.13 21.00 27.64
N ASN E 143 12.92 19.95 26.85
CA ASN E 143 13.70 19.63 25.64
C ASN E 143 15.20 19.76 25.90
N PHE E 144 15.72 18.75 26.59
CA PHE E 144 17.14 18.68 26.91
C PHE E 144 17.69 17.32 26.51
N TYR E 145 19.02 17.26 26.34
CA TYR E 145 19.73 16.03 26.07
C TYR E 145 21.15 16.18 26.59
N PRO E 146 21.71 15.15 27.23
CA PRO E 146 21.12 13.84 27.48
C PRO E 146 20.09 13.83 28.61
N ARG E 147 19.61 12.63 28.97
CA ARG E 147 18.57 12.51 29.97
C ARG E 147 19.06 12.95 31.36
N GLU E 148 20.36 12.84 31.62
CA GLU E 148 20.90 13.10 32.95
C GLU E 148 20.78 14.56 33.34
N ALA E 149 20.10 14.80 34.46
CA ALA E 149 20.01 16.11 35.07
C ALA E 149 19.84 15.96 36.58
N LYS E 150 20.34 16.95 37.31
CA LYS E 150 19.98 17.16 38.70
C LYS E 150 19.10 18.39 38.86
N VAL E 151 17.98 18.20 39.53
CA VAL E 151 17.07 19.26 39.94
C VAL E 151 17.13 19.39 41.45
N GLN E 152 17.05 20.63 41.94
CA GLN E 152 17.26 20.89 43.36
C GLN E 152 16.31 21.97 43.82
N TRP E 153 15.50 21.67 44.83
CA TRP E 153 14.57 22.63 45.40
C TRP E 153 15.21 23.37 46.57
N LYS E 154 14.90 24.65 46.67
CA LYS E 154 15.31 25.47 47.81
C LYS E 154 14.12 26.32 48.23
N VAL E 155 13.80 26.29 49.52
CA VAL E 155 12.72 27.09 50.07
C VAL E 155 13.34 28.06 51.07
N ASP E 156 13.36 29.34 50.70
CA ASP E 156 14.15 30.35 51.41
C ASP E 156 15.62 29.94 51.47
N ASN E 157 16.14 29.50 50.32
CA ASN E 157 17.52 29.01 50.17
C ASN E 157 17.86 27.95 51.20
N ALA E 158 16.95 26.98 51.37
CA ALA E 158 17.18 25.82 52.22
C ALA E 158 16.91 24.58 51.37
N LEU E 159 17.91 23.71 51.22
CA LEU E 159 17.71 22.53 50.38
C LEU E 159 16.56 21.69 50.92
N GLN E 160 15.80 21.12 50.00
CA GLN E 160 14.71 20.19 50.32
C GLN E 160 15.16 18.77 50.04
N SER E 161 14.46 17.83 50.66
CA SER E 161 14.63 16.42 50.36
C SER E 161 13.41 15.67 50.88
N GLY E 162 12.99 14.63 50.16
CA GLY E 162 11.94 13.76 50.60
C GLY E 162 10.52 14.23 50.30
N ASN E 163 10.35 15.45 49.82
CA ASN E 163 9.02 15.97 49.46
C ASN E 163 8.98 16.38 47.99
N SER E 164 9.68 15.63 47.15
CA SER E 164 9.87 15.96 45.75
C SER E 164 9.63 14.73 44.89
N GLN E 165 8.73 14.85 43.92
CA GLN E 165 8.41 13.79 42.98
C GLN E 165 8.78 14.26 41.58
N GLU E 166 9.30 13.36 40.75
CA GLU E 166 9.61 13.80 39.40
C GLU E 166 9.36 12.70 38.39
N SER E 167 9.19 13.12 37.14
CA SER E 167 8.79 12.27 36.04
C SER E 167 9.50 12.76 34.79
N VAL E 168 9.93 11.84 33.94
CA VAL E 168 10.68 12.16 32.73
C VAL E 168 9.97 11.54 31.54
N THR E 169 9.82 12.32 30.48
CA THR E 169 9.24 11.77 29.26
C THR E 169 10.22 10.83 28.57
N GLU E 170 9.68 9.98 27.71
CA GLU E 170 10.52 9.23 26.80
C GLU E 170 11.03 10.13 25.67
N GLN E 171 12.10 9.69 25.04
CA GLN E 171 12.79 10.50 24.03
C GLN E 171 11.87 10.82 22.86
N ASP E 172 11.73 12.11 22.57
CA ASP E 172 10.84 12.56 21.50
C ASP E 172 11.25 11.95 20.16
N SER E 173 10.25 11.66 19.32
CA SER E 173 10.47 10.96 18.08
C SER E 173 10.88 11.86 16.93
N LYS E 174 10.76 13.18 17.08
CA LYS E 174 11.24 14.12 16.07
C LYS E 174 12.61 14.73 16.39
N ASP E 175 12.77 15.32 17.57
CA ASP E 175 14.01 16.03 17.91
C ASP E 175 14.83 15.32 18.97
N SER E 176 14.35 14.18 19.49
CA SER E 176 15.16 13.29 20.31
C SER E 176 15.60 13.90 21.64
N THR E 177 14.80 14.80 22.21
CA THR E 177 15.11 15.38 23.51
C THR E 177 14.18 14.82 24.58
N TYR E 178 14.56 15.07 25.83
CA TYR E 178 13.80 14.68 27.00
C TYR E 178 13.19 15.91 27.65
N SER E 179 12.12 15.69 28.40
CA SER E 179 11.54 16.71 29.25
C SER E 179 11.26 16.11 30.61
N LEU E 180 11.40 16.94 31.64
CA LEU E 180 11.27 16.52 33.03
C LEU E 180 10.40 17.52 33.78
N SER E 181 9.61 17.00 34.71
CA SER E 181 8.87 17.81 35.66
C SER E 181 9.19 17.30 37.06
N SER E 182 9.44 18.24 37.98
CA SER E 182 9.64 17.93 39.39
C SER E 182 8.58 18.67 40.19
N THR E 183 7.91 17.95 41.09
CA THR E 183 6.84 18.51 41.90
C THR E 183 7.27 18.52 43.36
N LEU E 184 7.27 19.71 43.96
CA LEU E 184 7.53 19.88 45.38
C LEU E 184 6.20 20.05 46.09
N THR E 185 5.80 19.06 46.89
CA THR E 185 4.54 19.10 47.60
C THR E 185 4.77 19.59 49.03
N LEU E 186 3.93 20.54 49.46
CA LEU E 186 3.93 21.03 50.83
C LEU E 186 2.48 21.17 51.29
N SER E 187 2.31 21.32 52.59
CA SER E 187 1.01 21.75 53.10
C SER E 187 0.85 23.25 52.87
N LYS E 188 -0.41 23.70 52.81
CA LYS E 188 -0.67 25.12 52.70
C LYS E 188 -0.09 25.88 53.89
N ALA E 189 -0.11 25.25 55.07
CA ALA E 189 0.48 25.87 56.25
C ALA E 189 1.95 26.18 56.03
N ASP E 190 2.71 25.18 55.56
CA ASP E 190 4.14 25.39 55.33
C ASP E 190 4.40 26.36 54.19
N TYR E 191 3.63 26.24 53.10
CA TYR E 191 3.94 27.01 51.90
C TYR E 191 3.77 28.51 52.13
N GLU E 192 2.93 28.91 53.08
CA GLU E 192 2.71 30.31 53.37
C GLU E 192 3.49 30.80 54.59
N LYS E 193 4.54 30.10 54.99
CA LYS E 193 5.51 30.63 55.93
C LYS E 193 6.93 30.67 55.33
N HIS E 194 7.02 30.73 54.01
CA HIS E 194 8.22 31.08 53.26
C HIS E 194 7.79 31.95 52.09
N LYS E 195 8.74 32.65 51.48
CA LYS E 195 8.35 33.49 50.34
C LYS E 195 9.02 33.11 49.04
N VAL E 196 10.31 32.78 49.05
CA VAL E 196 11.04 32.51 47.82
C VAL E 196 11.14 31.00 47.62
N TYR E 197 10.67 30.53 46.47
CA TYR E 197 10.72 29.13 46.09
C TYR E 197 11.57 29.02 44.84
N ALA E 198 12.67 28.28 44.95
CA ALA E 198 13.68 28.23 43.91
C ALA E 198 13.86 26.79 43.43
N CYS E 199 14.13 26.66 42.13
CA CYS E 199 14.44 25.40 41.50
C CYS E 199 15.79 25.53 40.83
N GLU E 200 16.71 24.62 41.13
CA GLU E 200 18.08 24.71 40.64
C GLU E 200 18.39 23.50 39.77
N VAL E 201 18.76 23.76 38.52
CA VAL E 201 18.96 22.74 37.51
C VAL E 201 20.43 22.74 37.12
N THR E 202 21.07 21.58 37.18
CA THR E 202 22.40 21.43 36.62
C THR E 202 22.32 20.35 35.55
N HIS E 203 22.97 20.62 34.41
CA HIS E 203 22.90 19.76 33.25
C HIS E 203 24.14 19.99 32.41
N GLN E 204 24.67 18.91 31.83
CA GLN E 204 25.88 19.03 31.01
C GLN E 204 25.76 20.07 29.92
N GLY E 205 24.53 20.45 29.54
CA GLY E 205 24.29 21.33 28.42
C GLY E 205 24.54 22.79 28.66
N LEU E 206 24.64 23.21 29.92
CA LEU E 206 24.92 24.61 30.22
C LEU E 206 26.17 24.74 31.06
N SER E 207 26.67 25.97 31.15
CA SER E 207 27.95 26.27 31.78
C SER E 207 27.85 26.19 33.30
N SER E 208 26.94 26.96 33.89
CA SER E 208 26.73 27.03 35.32
C SER E 208 25.28 26.69 35.64
N PRO E 209 25.00 26.21 36.86
CA PRO E 209 23.61 25.83 37.19
C PRO E 209 22.66 27.00 37.04
N VAL E 210 21.50 26.74 36.44
CA VAL E 210 20.45 27.74 36.24
C VAL E 210 19.42 27.61 37.35
N THR E 211 18.95 28.75 37.85
CA THR E 211 17.98 28.79 38.94
C THR E 211 16.79 29.64 38.53
N LYS E 212 15.60 29.07 38.64
CA LYS E 212 14.36 29.81 38.44
C LYS E 212 13.61 29.85 39.76
N SER E 213 13.13 31.03 40.14
CA SER E 213 12.50 31.22 41.44
C SER E 213 11.34 32.20 41.31
N PHE E 214 10.49 32.20 42.32
CA PHE E 214 9.41 33.16 42.44
C PHE E 214 9.23 33.51 43.91
N ASN E 215 8.56 34.63 44.16
CA ASN E 215 8.27 35.08 45.51
C ASN E 215 6.77 34.94 45.76
N ARG E 216 6.41 34.21 46.80
CA ARG E 216 5.02 34.06 47.18
C ARG E 216 4.47 35.38 47.72
#